data_6K5S
#
_entry.id   6K5S
#
_cell.length_a   38.498
_cell.length_b   80.639
_cell.length_c   77.367
_cell.angle_alpha   111.450
_cell.angle_beta   94.640
_cell.angle_gamma   92.050
#
_symmetry.space_group_name_H-M   'P 1'
#
loop_
_entity.id
_entity.type
_entity.pdbx_description
1 polymer 'Telomeric DNA-binding factor trf1'
2 water water
#
_entity_poly.entity_id   1
_entity_poly.type   'polypeptide(L)'
_entity_poly.pdbx_seq_one_letter_code
;GPLGSRTSLIPTLGNLSNIILSILGKPVQEASAIVTNPASEMGMAFTKVMNMFRMVKDIYTEESFIYSSAIGMRTPSQRS
TTRRANLAIFLAAVYGALQIGFFHLNENFLEVFAPDESNILTNQGTLYMELKTQAYISAMAQAERPKGDILNDLFPSDMA
HRFLIRRNAKLDDKLTYVEKQIIEKCTARKERLANFSPQEALNEVYPWGKFLSEIACYIHNNYSSIS
;
_entity_poly.pdbx_strand_id   A,B,C,D
#
# COMPACT_ATOMS: atom_id res chain seq x y z
N LEU A 3 -38.17 -4.37 21.81
CA LEU A 3 -38.53 -4.62 20.42
C LEU A 3 -39.32 -5.93 20.28
N GLY A 4 -40.37 -5.85 19.45
CA GLY A 4 -41.36 -6.91 19.40
C GLY A 4 -40.84 -8.22 18.87
N SER A 5 -40.14 -8.19 17.74
CA SER A 5 -39.71 -9.46 17.13
C SER A 5 -38.65 -10.13 17.99
N ARG A 6 -37.77 -9.36 18.63
CA ARG A 6 -36.80 -9.99 19.52
C ARG A 6 -37.51 -10.58 20.73
N THR A 7 -38.53 -9.90 21.26
CA THR A 7 -39.33 -10.48 22.34
C THR A 7 -40.03 -11.76 21.89
N SER A 8 -40.72 -11.72 20.75
CA SER A 8 -41.59 -12.83 20.41
C SER A 8 -40.82 -14.06 19.93
N LEU A 9 -39.59 -13.89 19.43
CA LEU A 9 -38.84 -14.99 18.83
C LEU A 9 -37.98 -15.75 19.83
N ILE A 10 -38.04 -15.41 21.12
CA ILE A 10 -37.17 -16.06 22.09
C ILE A 10 -37.35 -17.59 22.06
N PRO A 11 -38.56 -18.14 21.98
CA PRO A 11 -38.65 -19.62 21.88
C PRO A 11 -37.92 -20.21 20.68
N THR A 12 -37.93 -19.54 19.53
CA THR A 12 -37.20 -20.04 18.36
C THR A 12 -35.69 -19.93 18.57
N LEU A 13 -35.22 -18.75 19.02
CA LEU A 13 -33.82 -18.59 19.36
C LEU A 13 -33.36 -19.70 20.30
N GLY A 14 -34.16 -19.98 21.35
CA GLY A 14 -33.79 -21.02 22.29
C GLY A 14 -33.80 -22.40 21.68
N ASN A 15 -34.83 -22.73 20.89
CA ASN A 15 -34.93 -24.07 20.32
C ASN A 15 -33.77 -24.34 19.35
N LEU A 16 -33.50 -23.40 18.46
CA LEU A 16 -32.43 -23.60 17.49
C LEU A 16 -31.08 -23.65 18.19
N SER A 17 -30.89 -22.84 19.23
CA SER A 17 -29.63 -22.85 19.96
C SER A 17 -29.41 -24.19 20.62
N ASN A 18 -30.47 -24.73 21.23
CA ASN A 18 -30.40 -26.03 21.88
C ASN A 18 -30.05 -27.14 20.88
N ILE A 19 -30.68 -27.12 19.71
CA ILE A 19 -30.37 -28.14 18.72
C ILE A 19 -28.90 -28.05 18.29
N ILE A 20 -28.42 -26.84 18.04
CA ILE A 20 -27.03 -26.66 17.62
C ILE A 20 -26.08 -27.16 18.71
N LEU A 21 -26.36 -26.79 19.97
CA LEU A 21 -25.47 -27.19 21.04
C LEU A 21 -25.42 -28.71 21.19
N SER A 22 -26.56 -29.36 21.00
CA SER A 22 -26.59 -30.81 21.18
C SER A 22 -26.06 -31.54 19.95
N ILE A 23 -26.13 -30.94 18.76
CA ILE A 23 -25.47 -31.55 17.61
C ILE A 23 -23.97 -31.37 17.71
N LEU A 24 -23.51 -30.13 17.88
CA LEU A 24 -22.09 -29.82 17.87
C LEU A 24 -21.39 -30.14 19.17
N GLY A 25 -22.13 -30.53 20.20
CA GLY A 25 -21.51 -30.98 21.43
C GLY A 25 -21.28 -32.47 21.50
N LYS A 26 -21.55 -33.21 20.42
CA LYS A 26 -21.30 -34.65 20.35
C LYS A 26 -19.80 -34.89 20.31
N PRO A 27 -19.34 -36.15 20.31
CA PRO A 27 -17.91 -36.42 20.10
C PRO A 27 -17.39 -35.69 18.87
N VAL A 28 -16.15 -35.20 18.95
CA VAL A 28 -15.62 -34.29 17.92
C VAL A 28 -15.71 -34.94 16.54
N GLN A 29 -15.33 -36.22 16.43
CA GLN A 29 -15.44 -36.93 15.16
C GLN A 29 -16.88 -36.91 14.63
N GLU A 30 -17.86 -37.05 15.51
CA GLU A 30 -19.25 -37.10 15.11
C GLU A 30 -19.75 -35.74 14.66
N ALA A 31 -19.46 -34.69 15.45
CA ALA A 31 -19.83 -33.33 15.07
C ALA A 31 -19.10 -32.89 13.81
N SER A 32 -17.79 -33.17 13.74
CA SER A 32 -17.06 -32.78 12.54
C SER A 32 -17.65 -33.45 11.30
N ALA A 33 -18.01 -34.73 11.43
CA ALA A 33 -18.63 -35.42 10.30
C ALA A 33 -19.90 -34.71 9.84
N ILE A 34 -20.72 -34.28 10.79
CA ILE A 34 -21.99 -33.65 10.43
C ILE A 34 -21.73 -32.38 9.62
N VAL A 35 -20.78 -31.56 10.07
CA VAL A 35 -20.52 -30.29 9.40
C VAL A 35 -19.84 -30.49 8.06
N THR A 36 -18.90 -31.44 7.98
CA THR A 36 -18.13 -31.66 6.76
C THR A 36 -18.80 -32.58 5.75
N ASN A 37 -20.01 -33.07 6.01
CA ASN A 37 -20.76 -33.90 5.05
C ASN A 37 -22.20 -33.39 4.96
N PRO A 38 -22.40 -32.26 4.30
CA PRO A 38 -23.74 -31.65 4.27
C PRO A 38 -24.79 -32.51 3.61
N ALA A 39 -24.39 -33.50 2.81
CA ALA A 39 -25.37 -34.32 2.10
C ALA A 39 -25.80 -35.55 2.89
N SER A 40 -25.17 -35.84 4.02
CA SER A 40 -25.64 -36.94 4.85
C SER A 40 -27.00 -36.60 5.45
N GLU A 41 -27.66 -37.59 6.05
CA GLU A 41 -28.97 -37.35 6.63
C GLU A 41 -28.89 -36.29 7.72
N MET A 42 -28.02 -36.50 8.71
CA MET A 42 -27.85 -35.54 9.78
C MET A 42 -27.21 -34.25 9.28
N GLY A 43 -26.33 -34.31 8.27
CA GLY A 43 -25.70 -33.11 7.75
C GLY A 43 -26.71 -32.18 7.10
N MET A 44 -27.65 -32.75 6.34
CA MET A 44 -28.71 -31.97 5.71
C MET A 44 -29.62 -31.34 6.75
N ALA A 45 -29.92 -32.07 7.83
CA ALA A 45 -30.76 -31.51 8.89
C ALA A 45 -30.04 -30.39 9.63
N PHE A 46 -28.73 -30.55 9.84
CA PHE A 46 -27.93 -29.48 10.45
C PHE A 46 -27.91 -28.25 9.56
N THR A 47 -27.78 -28.44 8.24
CA THR A 47 -27.74 -27.28 7.34
C THR A 47 -29.02 -26.46 7.41
N LYS A 48 -30.19 -27.11 7.45
CA LYS A 48 -31.45 -26.37 7.57
C LYS A 48 -31.57 -25.66 8.92
N VAL A 49 -31.18 -26.33 9.99
CA VAL A 49 -31.15 -25.70 11.31
C VAL A 49 -30.23 -24.48 11.30
N MET A 50 -29.04 -24.62 10.72
CA MET A 50 -28.10 -23.49 10.69
C MET A 50 -28.64 -22.33 9.87
N ASN A 51 -29.33 -22.63 8.76
CA ASN A 51 -29.91 -21.56 7.94
C ASN A 51 -30.99 -20.81 8.70
N MET A 52 -31.82 -21.53 9.46
CA MET A 52 -32.79 -20.82 10.29
C MET A 52 -32.09 -20.05 11.39
N PHE A 53 -31.04 -20.63 11.96
CA PHE A 53 -30.34 -19.97 13.06
C PHE A 53 -29.70 -18.67 12.60
N ARG A 54 -29.04 -18.70 11.44
CA ARG A 54 -28.49 -17.47 10.88
C ARG A 54 -29.54 -16.38 10.72
N MET A 55 -30.74 -16.74 10.25
CA MET A 55 -31.80 -15.75 10.10
C MET A 55 -32.25 -15.19 11.45
N VAL A 56 -32.45 -16.06 12.44
CA VAL A 56 -32.93 -15.58 13.74
C VAL A 56 -31.84 -14.77 14.43
N LYS A 57 -30.58 -15.20 14.32
CA LYS A 57 -29.47 -14.48 14.96
C LYS A 57 -29.41 -13.04 14.46
N ASP A 58 -29.65 -12.83 13.17
CA ASP A 58 -29.59 -11.49 12.59
C ASP A 58 -30.67 -10.58 13.18
N ILE A 59 -31.78 -11.16 13.63
CA ILE A 59 -32.80 -10.38 14.34
C ILE A 59 -32.27 -9.86 15.66
N TYR A 60 -31.39 -10.61 16.31
CA TYR A 60 -30.91 -10.24 17.65
C TYR A 60 -29.62 -9.45 17.64
N THR A 61 -28.77 -9.62 16.63
CA THR A 61 -27.50 -8.90 16.65
C THR A 61 -27.01 -8.64 15.23
N GLU A 62 -26.39 -7.48 15.03
CA GLU A 62 -25.62 -7.30 13.81
C GLU A 62 -24.14 -7.58 14.02
N GLU A 63 -23.72 -8.00 15.21
CA GLU A 63 -22.34 -8.31 15.50
C GLU A 63 -22.17 -9.84 15.60
N SER A 64 -21.06 -10.27 16.22
CA SER A 64 -20.81 -11.70 16.33
C SER A 64 -21.74 -12.34 17.35
N PHE A 65 -21.91 -11.73 18.52
CA PHE A 65 -22.68 -12.30 19.61
C PHE A 65 -23.83 -11.38 19.99
N ILE A 66 -24.69 -11.91 20.86
CA ILE A 66 -25.91 -11.23 21.31
C ILE A 66 -25.67 -10.64 22.68
N TYR A 67 -25.92 -9.34 22.81
CA TYR A 67 -25.68 -8.62 24.06
C TYR A 67 -27.06 -8.23 24.61
N SER A 68 -27.54 -9.00 25.58
CA SER A 68 -28.95 -8.89 25.96
C SER A 68 -29.26 -7.50 26.48
N SER A 69 -28.36 -6.91 27.26
CA SER A 69 -28.59 -5.56 27.76
C SER A 69 -28.68 -4.56 26.61
N ALA A 70 -27.85 -4.73 25.57
CA ALA A 70 -27.82 -3.76 24.48
C ALA A 70 -29.10 -3.77 23.67
N ILE A 71 -29.83 -4.89 23.65
CA ILE A 71 -31.07 -5.00 22.89
C ILE A 71 -32.30 -5.06 23.81
N GLY A 72 -32.15 -4.73 25.09
CA GLY A 72 -33.32 -4.66 25.96
C GLY A 72 -33.96 -6.00 26.25
N MET A 73 -33.18 -7.07 26.27
CA MET A 73 -33.68 -8.41 26.58
C MET A 73 -33.40 -8.64 28.07
N ARG A 74 -34.42 -8.40 28.92
CA ARG A 74 -34.17 -8.26 30.35
C ARG A 74 -34.78 -9.33 31.26
N THR A 75 -35.79 -10.08 30.80
CA THR A 75 -36.39 -11.10 31.69
C THR A 75 -35.46 -12.28 31.91
N PRO A 76 -35.66 -13.02 33.00
CA PRO A 76 -34.82 -14.20 33.25
C PRO A 76 -34.83 -15.20 32.10
N SER A 77 -35.97 -15.44 31.46
CA SER A 77 -35.98 -16.41 30.38
C SER A 77 -35.32 -15.85 29.12
N GLN A 78 -35.54 -14.55 28.85
CA GLN A 78 -34.86 -13.92 27.72
C GLN A 78 -33.35 -13.96 27.87
N ARG A 79 -32.85 -13.64 29.08
CA ARG A 79 -31.41 -13.61 29.27
C ARG A 79 -30.83 -15.01 29.29
N SER A 80 -31.55 -15.98 29.86
CA SER A 80 -31.07 -17.36 29.82
C SER A 80 -30.99 -17.86 28.37
N THR A 81 -31.95 -17.45 27.54
CA THR A 81 -31.94 -17.85 26.14
C THR A 81 -30.81 -17.18 25.37
N THR A 82 -30.54 -15.90 25.62
CA THR A 82 -29.44 -15.30 24.87
C THR A 82 -28.11 -15.89 25.31
N ARG A 83 -28.00 -16.30 26.58
CA ARG A 83 -26.76 -16.95 27.02
C ARG A 83 -26.53 -18.26 26.30
N ARG A 84 -27.58 -19.09 26.19
CA ARG A 84 -27.54 -20.30 25.39
C ARG A 84 -27.18 -20.00 23.95
N ALA A 85 -27.80 -18.96 23.37
CA ALA A 85 -27.53 -18.64 21.97
C ALA A 85 -26.06 -18.33 21.77
N ASN A 86 -25.48 -17.55 22.70
CA ASN A 86 -24.07 -17.19 22.57
C ASN A 86 -23.16 -18.41 22.63
N LEU A 87 -23.49 -19.40 23.47
CA LEU A 87 -22.74 -20.66 23.45
C LEU A 87 -22.88 -21.38 22.11
N ALA A 88 -24.10 -21.42 21.56
CA ALA A 88 -24.30 -22.09 20.28
C ALA A 88 -23.52 -21.38 19.19
N ILE A 89 -23.52 -20.04 19.22
CA ILE A 89 -22.76 -19.25 18.25
C ILE A 89 -21.27 -19.56 18.36
N PHE A 90 -20.75 -19.63 19.59
CA PHE A 90 -19.32 -19.88 19.76
C PHE A 90 -18.94 -21.25 19.25
N LEU A 91 -19.75 -22.27 19.57
CA LEU A 91 -19.45 -23.63 19.15
C LEU A 91 -19.59 -23.77 17.64
N ALA A 92 -20.57 -23.10 17.04
CA ALA A 92 -20.73 -23.16 15.59
C ALA A 92 -19.57 -22.44 14.90
N ALA A 93 -19.13 -21.30 15.47
CA ALA A 93 -17.94 -20.63 14.95
C ALA A 93 -16.74 -21.57 14.94
N VAL A 94 -16.50 -22.28 16.05
CA VAL A 94 -15.28 -23.09 16.11
C VAL A 94 -15.38 -24.34 15.24
N TYR A 95 -16.58 -24.81 14.94
CA TYR A 95 -16.74 -25.89 13.97
C TYR A 95 -16.90 -25.38 12.54
N GLY A 96 -16.90 -24.07 12.33
CA GLY A 96 -16.93 -23.50 10.99
C GLY A 96 -18.30 -23.25 10.41
N ALA A 97 -19.37 -23.59 11.15
CA ALA A 97 -20.73 -23.33 10.66
C ALA A 97 -21.04 -21.83 10.63
N LEU A 98 -20.36 -21.03 11.44
CA LEU A 98 -20.48 -19.59 11.39
C LEU A 98 -19.09 -19.02 11.20
N GLN A 99 -19.03 -17.86 10.56
CA GLN A 99 -17.79 -17.18 10.19
C GLN A 99 -17.53 -16.07 11.20
N ILE A 100 -16.87 -16.43 12.29
CA ILE A 100 -16.51 -15.48 13.35
C ILE A 100 -15.03 -15.64 13.62
N GLY A 101 -14.29 -14.57 13.42
CA GLY A 101 -12.84 -14.66 13.49
C GLY A 101 -12.35 -14.86 14.90
N PHE A 102 -11.12 -15.35 15.01
CA PHE A 102 -10.54 -15.62 16.33
C PHE A 102 -10.44 -14.35 17.17
N PHE A 103 -10.22 -13.19 16.55
CA PHE A 103 -10.19 -11.96 17.33
C PHE A 103 -11.49 -11.77 18.09
N HIS A 104 -12.64 -12.05 17.46
CA HIS A 104 -13.92 -11.86 18.12
C HIS A 104 -14.20 -12.95 19.12
N LEU A 105 -13.76 -14.18 18.85
CA LEU A 105 -13.90 -15.25 19.83
C LEU A 105 -13.16 -14.89 21.12
N ASN A 106 -11.93 -14.41 20.99
CA ASN A 106 -11.15 -14.02 22.16
C ASN A 106 -11.78 -12.86 22.92
N GLU A 107 -12.19 -11.81 22.20
CA GLU A 107 -12.73 -10.60 22.85
C GLU A 107 -13.99 -10.90 23.63
N ASN A 108 -14.80 -11.84 23.15
CA ASN A 108 -16.10 -12.17 23.73
C ASN A 108 -16.08 -13.41 24.62
N PHE A 109 -14.92 -14.05 24.80
CA PHE A 109 -14.89 -15.35 25.49
C PHE A 109 -15.50 -15.28 26.88
N LEU A 110 -15.09 -14.30 27.68
CA LEU A 110 -15.61 -14.22 29.04
C LEU A 110 -17.10 -13.89 29.07
N GLU A 111 -17.59 -13.08 28.12
CA GLU A 111 -19.01 -12.79 28.09
C GLU A 111 -19.82 -14.03 27.71
N VAL A 112 -19.24 -14.91 26.92
CA VAL A 112 -19.93 -16.12 26.48
C VAL A 112 -19.91 -17.20 27.55
N PHE A 113 -18.77 -17.37 28.24
CA PHE A 113 -18.63 -18.48 29.17
C PHE A 113 -18.77 -18.07 30.62
N ALA A 114 -18.60 -16.79 30.95
CA ALA A 114 -18.78 -16.28 32.30
C ALA A 114 -19.62 -14.99 32.27
N PRO A 115 -20.85 -15.08 31.80
CA PRO A 115 -21.66 -13.87 31.65
C PRO A 115 -22.16 -13.40 33.01
N ASP A 116 -22.53 -12.11 33.04
CA ASP A 116 -23.23 -11.53 34.19
C ASP A 116 -22.36 -11.49 35.45
N GLU A 117 -21.08 -11.19 35.30
CA GLU A 117 -20.12 -11.02 36.39
C GLU A 117 -20.01 -12.24 37.27
N SER A 118 -20.33 -13.41 36.75
CA SER A 118 -20.17 -14.63 37.49
C SER A 118 -18.70 -14.85 37.88
N ASN A 119 -18.49 -15.78 38.81
CA ASN A 119 -17.14 -16.14 39.24
C ASN A 119 -16.40 -16.84 38.11
N ILE A 120 -15.17 -16.41 37.82
CA ILE A 120 -14.36 -17.12 36.84
C ILE A 120 -13.81 -18.39 37.48
N LEU A 121 -13.99 -19.52 36.80
CA LEU A 121 -13.57 -20.82 37.29
C LEU A 121 -12.32 -21.30 36.57
N THR A 122 -11.60 -22.23 37.21
CA THR A 122 -10.31 -22.67 36.71
C THR A 122 -10.40 -23.28 35.32
N ASN A 123 -11.42 -24.10 35.07
CA ASN A 123 -11.54 -24.72 33.75
C ASN A 123 -11.90 -23.70 32.67
N GLN A 124 -12.65 -22.65 33.01
CA GLN A 124 -12.84 -21.54 32.08
C GLN A 124 -11.52 -20.88 31.74
N GLY A 125 -10.68 -20.66 32.77
CA GLY A 125 -9.39 -20.06 32.56
C GLY A 125 -8.51 -20.89 31.64
N THR A 126 -8.47 -22.21 31.87
CA THR A 126 -7.70 -23.09 31.00
C THR A 126 -8.22 -23.02 29.56
N LEU A 127 -9.54 -23.03 29.39
CA LEU A 127 -10.12 -22.89 28.06
C LEU A 127 -9.76 -21.55 27.43
N TYR A 128 -9.80 -20.47 28.20
CA TYR A 128 -9.39 -19.15 27.73
C TYR A 128 -7.97 -19.19 27.16
N MET A 129 -7.04 -19.78 27.91
CA MET A 129 -5.64 -19.83 27.50
C MET A 129 -5.46 -20.58 26.19
N GLU A 130 -6.15 -21.73 26.05
CA GLU A 130 -6.03 -22.51 24.82
C GLU A 130 -6.68 -21.80 23.64
N LEU A 131 -7.80 -21.11 23.88
CA LEU A 131 -8.38 -20.31 22.81
C LEU A 131 -7.38 -19.27 22.32
N LYS A 132 -6.76 -18.52 23.25
CA LYS A 132 -5.78 -17.52 22.85
C LYS A 132 -4.63 -18.15 22.07
N THR A 133 -4.23 -19.36 22.46
CA THR A 133 -3.16 -20.05 21.75
C THR A 133 -3.54 -20.37 20.32
N GLN A 134 -4.77 -20.87 20.11
CA GLN A 134 -5.24 -21.11 18.75
C GLN A 134 -5.40 -19.80 17.97
N ALA A 135 -5.89 -18.73 18.62
CA ALA A 135 -5.96 -17.46 17.90
C ALA A 135 -4.57 -17.02 17.45
N TYR A 136 -3.56 -17.19 18.31
CA TYR A 136 -2.21 -16.84 17.95
C TYR A 136 -1.73 -17.66 16.76
N ILE A 137 -1.97 -18.97 16.80
CA ILE A 137 -1.49 -19.87 15.74
C ILE A 137 -2.18 -19.54 14.43
N SER A 138 -3.47 -19.30 14.46
CA SER A 138 -4.17 -18.91 13.23
C SER A 138 -3.69 -17.56 12.73
N ALA A 139 -3.52 -16.58 13.62
CA ALA A 139 -3.11 -15.25 13.17
C ALA A 139 -1.73 -15.33 12.53
N MET A 140 -0.82 -16.14 13.10
CA MET A 140 0.51 -16.32 12.53
C MET A 140 0.44 -16.89 11.14
N ALA A 141 -0.53 -17.77 10.88
CA ALA A 141 -0.64 -18.40 9.57
C ALA A 141 -0.99 -17.42 8.45
N GLN A 142 -1.52 -16.25 8.77
CA GLN A 142 -1.84 -15.26 7.73
C GLN A 142 -0.63 -14.42 7.33
N ALA A 143 0.48 -14.52 8.07
CA ALA A 143 1.71 -13.80 7.79
C ALA A 143 1.43 -12.31 7.62
N GLU A 144 0.56 -11.81 8.48
CA GLU A 144 0.06 -10.45 8.42
C GLU A 144 0.81 -9.48 9.32
N ARG A 145 1.11 -9.88 10.55
CA ARG A 145 1.69 -9.03 11.58
C ARG A 145 2.70 -9.84 12.34
N PRO A 146 3.65 -9.20 13.03
CA PRO A 146 4.69 -9.96 13.72
C PRO A 146 4.16 -10.62 14.98
N LYS A 147 4.87 -11.68 15.39
CA LYS A 147 4.38 -12.50 16.49
C LYS A 147 4.27 -11.67 17.76
N GLY A 148 5.24 -10.80 18.02
CA GLY A 148 5.17 -9.95 19.20
C GLY A 148 3.88 -9.17 19.30
N ASP A 149 3.45 -8.56 18.19
CA ASP A 149 2.22 -7.77 18.18
C ASP A 149 1.00 -8.65 18.47
N ILE A 150 0.94 -9.80 17.81
CA ILE A 150 -0.17 -10.73 18.03
C ILE A 150 -0.24 -11.13 19.49
N LEU A 151 0.92 -11.47 20.06
CA LEU A 151 0.93 -12.00 21.41
C LEU A 151 0.54 -10.94 22.42
N ASN A 152 0.96 -9.70 22.20
CA ASN A 152 0.62 -8.63 23.15
C ASN A 152 -0.86 -8.33 23.11
N ASP A 153 -1.52 -8.54 21.97
CA ASP A 153 -2.97 -8.39 21.92
C ASP A 153 -3.65 -9.55 22.63
N LEU A 154 -3.17 -10.77 22.41
CA LEU A 154 -3.89 -11.94 22.90
C LEU A 154 -3.59 -12.23 24.37
N PHE A 155 -2.42 -11.84 24.86
CA PHE A 155 -1.98 -12.09 26.22
C PHE A 155 -1.56 -10.76 26.81
N PRO A 156 -2.51 -9.88 27.10
CA PRO A 156 -2.18 -8.48 27.34
C PRO A 156 -1.70 -8.26 28.77
N SER A 157 -1.08 -7.09 28.98
CA SER A 157 -0.57 -6.74 30.31
C SER A 157 -1.68 -6.32 31.27
N ASP A 158 -2.85 -5.91 30.78
CA ASP A 158 -3.94 -5.45 31.62
C ASP A 158 -4.94 -6.56 31.98
N MET A 159 -4.51 -7.82 32.00
CA MET A 159 -5.46 -8.91 32.25
C MET A 159 -6.11 -8.75 33.61
N ALA A 160 -5.35 -8.26 34.60
CA ALA A 160 -5.87 -8.12 35.96
C ALA A 160 -6.90 -7.00 36.03
N HIS A 161 -6.60 -5.85 35.42
CA HIS A 161 -7.59 -4.78 35.37
C HIS A 161 -8.83 -5.21 34.60
N ARG A 162 -8.65 -6.05 33.57
CA ARG A 162 -9.81 -6.54 32.86
C ARG A 162 -10.69 -7.42 33.75
N PHE A 163 -10.07 -8.28 34.58
CA PHE A 163 -10.86 -9.12 35.48
C PHE A 163 -11.64 -8.28 36.48
N LEU A 164 -11.01 -7.24 37.03
CA LEU A 164 -11.69 -6.39 38.00
C LEU A 164 -12.84 -5.63 37.33
N ILE A 165 -12.56 -5.02 36.17
CA ILE A 165 -13.58 -4.30 35.42
C ILE A 165 -14.79 -5.18 35.16
N ARG A 166 -14.57 -6.43 34.73
CA ARG A 166 -15.70 -7.22 34.27
C ARG A 166 -16.65 -7.61 35.38
N ARG A 167 -16.24 -7.50 36.66
CA ARG A 167 -17.14 -7.81 37.76
C ARG A 167 -17.32 -6.62 38.69
N ASN A 168 -17.11 -5.41 38.19
CA ASN A 168 -17.45 -4.17 38.90
C ASN A 168 -16.74 -4.07 40.25
N ALA A 169 -15.46 -4.43 40.29
CA ALA A 169 -14.68 -4.34 41.53
C ALA A 169 -14.00 -2.98 41.67
N LYS A 174 -7.46 -8.09 45.87
CA LYS A 174 -8.55 -7.70 44.99
C LYS A 174 -8.91 -8.85 44.04
N LEU A 175 -7.89 -9.43 43.41
CA LEU A 175 -8.10 -10.52 42.47
C LEU A 175 -8.38 -11.83 43.19
N THR A 176 -9.21 -12.68 42.57
CA THR A 176 -9.47 -13.98 43.15
C THR A 176 -8.30 -14.93 42.87
N TYR A 177 -8.30 -16.07 43.57
CA TYR A 177 -7.22 -17.03 43.39
C TYR A 177 -7.20 -17.56 41.95
N VAL A 178 -8.37 -17.95 41.43
CA VAL A 178 -8.46 -18.43 40.05
C VAL A 178 -7.96 -17.37 39.08
N GLU A 179 -8.38 -16.12 39.29
CA GLU A 179 -7.97 -15.04 38.41
C GLU A 179 -6.46 -14.89 38.36
N LYS A 180 -5.81 -14.88 39.52
CA LYS A 180 -4.35 -14.77 39.54
C LYS A 180 -3.68 -16.00 38.97
N GLN A 181 -4.28 -17.18 39.16
CA GLN A 181 -3.73 -18.38 38.50
C GLN A 181 -3.81 -18.27 36.98
N ILE A 182 -4.92 -17.74 36.47
CA ILE A 182 -5.05 -17.57 35.02
C ILE A 182 -4.00 -16.59 34.50
N ILE A 183 -3.86 -15.44 35.17
CA ILE A 183 -2.84 -14.49 34.74
C ILE A 183 -1.47 -15.15 34.71
N GLU A 184 -1.16 -15.94 35.74
CA GLU A 184 0.15 -16.60 35.78
C GLU A 184 0.28 -17.66 34.69
N LYS A 185 -0.77 -18.46 34.50
CA LYS A 185 -0.76 -19.46 33.42
C LYS A 185 -0.64 -18.81 32.06
N CYS A 186 -1.34 -17.69 31.86
CA CYS A 186 -1.30 -17.00 30.59
C CYS A 186 0.07 -16.39 30.32
N THR A 187 0.69 -15.78 31.33
CA THR A 187 2.04 -15.23 31.20
C THR A 187 3.02 -16.31 30.75
N ALA A 188 2.97 -17.48 31.39
CA ALA A 188 3.84 -18.58 31.02
C ALA A 188 3.59 -19.06 29.60
N ARG A 189 2.32 -19.12 29.18
CA ARG A 189 2.01 -19.57 27.83
C ARG A 189 2.48 -18.55 26.80
N LYS A 190 2.36 -17.26 27.10
CA LYS A 190 2.85 -16.22 26.19
C LYS A 190 4.36 -16.40 25.95
N GLU A 191 5.12 -16.58 27.03
CA GLU A 191 6.57 -16.74 26.91
C GLU A 191 6.91 -18.00 26.10
N ARG A 192 6.28 -19.13 26.43
CA ARG A 192 6.53 -20.35 25.65
C ARG A 192 6.22 -20.12 24.18
N LEU A 193 5.15 -19.40 23.89
CA LEU A 193 4.78 -19.18 22.49
C LEU A 193 5.78 -18.27 21.80
N ALA A 194 6.26 -17.22 22.48
CA ALA A 194 7.14 -16.27 21.84
C ALA A 194 8.51 -16.89 21.56
N ASN A 195 9.01 -17.69 22.49
CA ASN A 195 10.33 -18.30 22.42
C ASN A 195 10.35 -19.65 21.71
N PHE A 196 9.20 -20.16 21.25
CA PHE A 196 9.19 -21.46 20.60
C PHE A 196 9.81 -21.38 19.22
N SER A 197 10.48 -22.46 18.83
CA SER A 197 11.12 -22.52 17.53
C SER A 197 11.14 -23.99 17.14
N PRO A 198 10.74 -24.34 15.90
CA PRO A 198 10.26 -23.41 14.87
C PRO A 198 8.78 -23.04 15.07
N GLN A 199 8.45 -21.78 14.81
CA GLN A 199 7.09 -21.28 15.02
C GLN A 199 6.06 -22.07 14.23
N GLU A 200 6.42 -22.49 13.01
CA GLU A 200 5.47 -23.21 12.16
C GLU A 200 5.08 -24.55 12.76
N ALA A 201 5.84 -25.06 13.72
CA ALA A 201 5.51 -26.32 14.38
C ALA A 201 4.48 -26.17 15.49
N LEU A 202 4.06 -24.95 15.81
CA LEU A 202 3.22 -24.77 16.99
C LEU A 202 1.89 -25.50 16.87
N ASN A 203 1.36 -25.63 15.64
CA ASN A 203 0.09 -26.32 15.52
C ASN A 203 0.21 -27.82 15.73
N GLU A 204 1.39 -28.40 15.55
CA GLU A 204 1.56 -29.79 15.96
C GLU A 204 1.65 -29.89 17.48
N VAL A 205 2.28 -28.89 18.11
CA VAL A 205 2.42 -28.84 19.56
C VAL A 205 1.07 -28.57 20.23
N TYR A 206 0.27 -27.67 19.67
CA TYR A 206 -1.06 -27.36 20.19
C TYR A 206 -2.05 -27.66 19.07
N PRO A 207 -2.34 -28.94 18.81
CA PRO A 207 -3.17 -29.30 17.67
C PRO A 207 -4.60 -28.78 17.82
N TRP A 208 -5.18 -28.39 16.68
CA TRP A 208 -6.54 -27.89 16.68
C TRP A 208 -7.52 -28.94 17.21
N GLY A 209 -7.40 -30.17 16.71
CA GLY A 209 -8.29 -31.23 17.15
C GLY A 209 -8.37 -31.36 18.65
N LYS A 210 -7.23 -31.19 19.33
CA LYS A 210 -7.25 -31.22 20.79
C LYS A 210 -8.03 -30.03 21.35
N PHE A 211 -7.90 -28.85 20.76
CA PHE A 211 -8.69 -27.73 21.27
C PHE A 211 -10.18 -27.96 21.01
N LEU A 212 -10.51 -28.49 19.84
CA LEU A 212 -11.90 -28.77 19.55
C LEU A 212 -12.48 -29.70 20.61
N SER A 213 -11.74 -30.75 20.96
CA SER A 213 -12.20 -31.70 21.97
C SER A 213 -12.30 -31.04 23.33
N GLU A 214 -11.36 -30.15 23.66
CA GLU A 214 -11.46 -29.43 24.93
C GLU A 214 -12.74 -28.62 25.01
N ILE A 215 -13.06 -27.86 23.96
CA ILE A 215 -14.14 -26.87 24.08
C ILE A 215 -15.49 -27.55 24.06
N ALA A 216 -15.65 -28.59 23.22
CA ALA A 216 -16.94 -29.26 23.15
C ALA A 216 -17.27 -29.95 24.47
N CYS A 217 -16.29 -30.68 25.02
CA CYS A 217 -16.44 -31.31 26.33
C CYS A 217 -16.85 -30.30 27.39
N TYR A 218 -16.17 -29.16 27.46
CA TYR A 218 -16.60 -28.13 28.41
C TYR A 218 -18.05 -27.74 28.15
N ILE A 219 -18.35 -27.37 26.91
CA ILE A 219 -19.67 -26.82 26.62
C ILE A 219 -20.72 -27.91 26.82
N HIS A 220 -20.37 -29.15 26.54
CA HIS A 220 -21.25 -30.26 26.87
C HIS A 220 -21.31 -30.41 28.39
N ASN A 221 -20.23 -30.90 29.00
CA ASN A 221 -20.25 -31.23 30.43
C ASN A 221 -20.47 -30.02 31.35
N ASN A 222 -20.80 -28.83 30.87
CA ASN A 222 -21.20 -27.72 31.74
C ASN A 222 -22.56 -27.15 31.38
N TYR A 223 -23.19 -27.63 30.31
CA TYR A 223 -24.55 -27.23 29.97
C TYR A 223 -25.29 -28.47 29.49
N SER A 224 -26.54 -28.58 29.91
CA SER A 224 -27.27 -29.81 29.63
C SER A 224 -27.67 -29.87 28.17
N SER A 225 -27.57 -31.06 27.59
CA SER A 225 -27.82 -31.25 26.18
C SER A 225 -29.07 -32.07 25.93
N ILE A 226 -29.52 -32.00 24.67
CA ILE A 226 -30.51 -32.87 23.98
C ILE A 226 -31.79 -32.08 23.75
N GLY B 4 -3.08 14.49 6.50
CA GLY B 4 -4.16 13.92 5.71
C GLY B 4 -3.81 12.52 5.22
N SER B 5 -3.03 12.47 4.13
CA SER B 5 -2.63 11.19 3.57
C SER B 5 -1.68 10.45 4.50
N ARG B 6 -0.75 11.16 5.15
CA ARG B 6 0.14 10.50 6.09
C ARG B 6 -0.62 9.93 7.28
N THR B 7 -1.66 10.65 7.74
CA THR B 7 -2.50 10.12 8.81
C THR B 7 -3.20 8.85 8.38
N SER B 8 -3.84 8.88 7.21
CA SER B 8 -4.71 7.77 6.85
C SER B 8 -3.93 6.54 6.41
N LEU B 9 -2.70 6.70 5.92
CA LEU B 9 -1.94 5.58 5.35
C LEU B 9 -1.11 4.82 6.39
N ILE B 10 -1.20 5.17 7.67
CA ILE B 10 -0.41 4.50 8.70
C ILE B 10 -0.63 2.98 8.69
N PRO B 11 -1.86 2.46 8.55
CA PRO B 11 -1.98 0.99 8.41
C PRO B 11 -1.17 0.40 7.27
N THR B 12 -1.13 1.07 6.12
CA THR B 12 -0.38 0.55 4.98
C THR B 12 1.13 0.61 5.23
N LEU B 13 1.61 1.78 5.67
CA LEU B 13 3.01 1.93 6.06
C LEU B 13 3.42 0.79 7.00
N GLY B 14 2.62 0.57 8.05
CA GLY B 14 2.93 -0.50 9.00
C GLY B 14 2.90 -1.89 8.40
N ASN B 15 1.91 -2.18 7.54
CA ASN B 15 1.77 -3.52 6.96
C ASN B 15 2.97 -3.82 6.05
N LEU B 16 3.31 -2.89 5.17
CA LEU B 16 4.42 -3.11 4.24
C LEU B 16 5.74 -3.19 4.98
N SER B 17 5.93 -2.38 6.03
CA SER B 17 7.15 -2.45 6.80
C SER B 17 7.30 -3.81 7.45
N ASN B 18 6.22 -4.28 8.07
CA ASN B 18 6.19 -5.61 8.69
C ASN B 18 6.57 -6.70 7.69
N ILE B 19 6.03 -6.63 6.47
CA ILE B 19 6.30 -7.67 5.50
C ILE B 19 7.78 -7.65 5.10
N ILE B 20 8.32 -6.46 4.84
CA ILE B 20 9.74 -6.33 4.52
C ILE B 20 10.60 -6.88 5.65
N LEU B 21 10.24 -6.54 6.88
CA LEU B 21 11.04 -7.00 8.02
C LEU B 21 10.97 -8.50 8.17
N SER B 22 9.86 -9.12 7.85
CA SER B 22 9.77 -10.57 8.01
C SER B 22 10.42 -11.30 6.84
N ILE B 23 10.44 -10.69 5.65
CA ILE B 23 11.09 -11.33 4.51
C ILE B 23 12.60 -11.19 4.62
N LEU B 24 13.07 -9.96 4.87
CA LEU B 24 14.49 -9.77 5.10
C LEU B 24 14.92 -10.12 6.51
N GLY B 25 14.05 -10.80 7.27
CA GLY B 25 14.42 -11.35 8.56
C GLY B 25 14.68 -12.84 8.53
N LYS B 26 14.42 -13.47 7.37
CA LYS B 26 14.80 -14.85 7.15
C LYS B 26 16.33 -14.97 7.21
N PRO B 27 16.86 -16.20 7.34
CA PRO B 27 18.32 -16.37 7.26
C PRO B 27 18.91 -15.64 6.05
N VAL B 28 20.16 -15.21 6.20
CA VAL B 28 20.81 -14.32 5.24
C VAL B 28 20.83 -14.91 3.83
N GLN B 29 21.14 -16.20 3.71
CA GLN B 29 21.20 -16.80 2.39
C GLN B 29 19.83 -16.80 1.73
N GLU B 30 18.78 -17.05 2.51
CA GLU B 30 17.44 -17.03 1.97
C GLU B 30 17.00 -15.61 1.61
N ALA B 31 17.22 -14.65 2.52
CA ALA B 31 16.89 -13.25 2.22
C ALA B 31 17.66 -12.76 1.00
N SER B 32 18.97 -13.05 0.95
CA SER B 32 19.76 -12.60 -0.20
C SER B 32 19.25 -13.22 -1.49
N ALA B 33 18.86 -14.49 -1.44
CA ALA B 33 18.32 -15.13 -2.64
C ALA B 33 17.08 -14.42 -3.14
N ILE B 34 16.17 -14.07 -2.22
CA ILE B 34 14.93 -13.41 -2.63
C ILE B 34 15.23 -12.11 -3.39
N VAL B 35 16.18 -11.32 -2.88
CA VAL B 35 16.48 -10.05 -3.54
C VAL B 35 17.20 -10.28 -4.87
N THR B 36 18.09 -11.27 -4.92
CA THR B 36 18.91 -11.42 -6.12
C THR B 36 18.25 -12.27 -7.20
N ASN B 37 17.08 -12.85 -6.95
CA ASN B 37 16.35 -13.61 -7.97
C ASN B 37 14.92 -13.11 -8.09
N PRO B 38 14.73 -11.92 -8.68
CA PRO B 38 13.38 -11.33 -8.74
C PRO B 38 12.41 -12.13 -9.60
N ALA B 39 12.90 -13.09 -10.39
CA ALA B 39 12.04 -13.95 -11.20
C ALA B 39 11.44 -15.10 -10.39
N SER B 40 11.99 -15.43 -9.23
CA SER B 40 11.45 -16.55 -8.46
C SER B 40 10.08 -16.19 -7.89
N GLU B 41 9.39 -17.19 -7.33
CA GLU B 41 8.07 -16.90 -6.76
C GLU B 41 8.17 -15.88 -5.63
N MET B 42 9.08 -16.12 -4.68
CA MET B 42 9.20 -15.18 -3.57
C MET B 42 9.84 -13.87 -4.00
N GLY B 43 10.78 -13.94 -4.95
CA GLY B 43 11.40 -12.73 -5.45
C GLY B 43 10.40 -11.81 -6.13
N MET B 44 9.49 -12.39 -6.92
CA MET B 44 8.45 -11.60 -7.56
C MET B 44 7.56 -10.92 -6.53
N ALA B 45 7.17 -11.67 -5.48
CA ALA B 45 6.30 -11.12 -4.45
C ALA B 45 7.00 -10.02 -3.67
N PHE B 46 8.30 -10.20 -3.42
CA PHE B 46 9.07 -9.16 -2.74
C PHE B 46 9.19 -7.91 -3.62
N THR B 47 9.38 -8.09 -4.92
CA THR B 47 9.48 -6.93 -5.81
C THR B 47 8.21 -6.07 -5.74
N LYS B 48 7.04 -6.69 -5.71
CA LYS B 48 5.79 -5.93 -5.67
C LYS B 48 5.59 -5.24 -4.32
N VAL B 49 5.89 -5.94 -3.23
CA VAL B 49 5.90 -5.30 -1.92
C VAL B 49 6.89 -4.12 -1.91
N MET B 50 8.09 -4.29 -2.47
CA MET B 50 9.04 -3.19 -2.44
C MET B 50 8.60 -2.04 -3.33
N ASN B 51 7.92 -2.33 -4.44
CA ASN B 51 7.42 -1.24 -5.27
C ASN B 51 6.35 -0.44 -4.53
N MET B 52 5.47 -1.13 -3.81
CA MET B 52 4.48 -0.42 -3.01
C MET B 52 5.14 0.31 -1.84
N PHE B 53 6.14 -0.29 -1.21
CA PHE B 53 6.77 0.38 -0.07
C PHE B 53 7.47 1.66 -0.51
N ARG B 54 8.11 1.64 -1.68
CA ARG B 54 8.75 2.84 -2.18
C ARG B 54 7.74 3.95 -2.45
N MET B 55 6.52 3.60 -2.88
CA MET B 55 5.51 4.62 -3.11
C MET B 55 5.02 5.20 -1.78
N VAL B 56 4.72 4.32 -0.81
CA VAL B 56 4.22 4.81 0.48
C VAL B 56 5.31 5.57 1.23
N LYS B 57 6.58 5.19 1.06
CA LYS B 57 7.65 5.89 1.77
C LYS B 57 7.76 7.33 1.29
N ASP B 58 7.61 7.54 -0.02
CA ASP B 58 7.67 8.88 -0.58
C ASP B 58 6.59 9.79 -0.03
N ILE B 59 5.43 9.23 0.34
CA ILE B 59 4.38 10.05 0.95
C ILE B 59 4.82 10.59 2.30
N TYR B 60 5.65 9.84 3.01
CA TYR B 60 6.07 10.21 4.36
C TYR B 60 7.38 10.97 4.41
N THR B 61 8.29 10.80 3.45
CA THR B 61 9.57 11.48 3.55
C THR B 61 10.16 11.75 2.16
N GLU B 62 10.80 12.90 2.00
CA GLU B 62 11.58 13.11 0.80
C GLU B 62 13.05 12.74 0.99
N GLU B 63 13.41 12.25 2.17
CA GLU B 63 14.76 11.92 2.58
C GLU B 63 14.92 10.39 2.67
N SER B 64 15.99 9.94 3.32
CA SER B 64 16.21 8.51 3.44
C SER B 64 15.22 7.88 4.40
N PHE B 65 15.00 8.51 5.55
CA PHE B 65 14.21 7.94 6.63
C PHE B 65 13.05 8.87 7.00
N ILE B 66 12.15 8.36 7.82
CA ILE B 66 10.94 9.08 8.21
C ILE B 66 11.14 9.69 9.59
N TYR B 67 10.93 11.00 9.71
CA TYR B 67 11.09 11.69 10.98
C TYR B 67 9.72 12.15 11.44
N SER B 68 9.15 11.43 12.41
CA SER B 68 7.73 11.58 12.71
C SER B 68 7.40 12.97 13.23
N SER B 69 8.28 13.55 14.06
CA SER B 69 8.02 14.90 14.53
C SER B 69 8.06 15.92 13.41
N ALA B 70 8.87 15.68 12.36
CA ALA B 70 8.97 16.66 11.27
C ALA B 70 7.73 16.69 10.42
N ILE B 71 7.03 15.57 10.30
CA ILE B 71 5.81 15.50 9.52
C ILE B 71 4.56 15.48 10.41
N GLY B 72 4.72 15.75 11.69
CA GLY B 72 3.56 15.87 12.57
C GLY B 72 2.82 14.58 12.88
N MET B 73 3.49 13.43 12.81
CA MET B 73 2.94 12.16 13.26
C MET B 73 3.17 12.05 14.77
N ARG B 74 2.10 12.19 15.56
CA ARG B 74 2.24 12.37 16.99
C ARG B 74 1.64 11.25 17.85
N THR B 75 0.68 10.48 17.35
CA THR B 75 0.03 9.49 18.19
C THR B 75 0.95 8.30 18.44
N PRO B 76 0.72 7.56 19.52
CA PRO B 76 1.56 6.37 19.77
C PRO B 76 1.57 5.38 18.62
N SER B 77 0.41 5.14 18.01
CA SER B 77 0.39 4.23 16.86
C SER B 77 1.18 4.81 15.68
N GLN B 78 1.03 6.12 15.44
CA GLN B 78 1.75 6.76 14.36
C GLN B 78 3.26 6.69 14.57
N ARG B 79 3.72 7.05 15.79
CA ARG B 79 5.15 7.05 16.07
C ARG B 79 5.72 5.64 16.06
N SER B 80 4.99 4.67 16.60
CA SER B 80 5.46 3.29 16.59
C SER B 80 5.57 2.75 15.16
N THR B 81 4.65 3.19 14.29
CA THR B 81 4.70 2.74 12.90
C THR B 81 5.88 3.37 12.15
N THR B 82 6.16 4.66 12.38
CA THR B 82 7.33 5.19 11.69
C THR B 82 8.61 4.58 12.22
N ARG B 83 8.64 4.22 13.50
CA ARG B 83 9.84 3.55 14.02
C ARG B 83 10.06 2.22 13.33
N ARG B 84 8.96 1.45 13.15
CA ARG B 84 9.02 0.21 12.39
C ARG B 84 9.47 0.46 10.97
N ALA B 85 8.90 1.49 10.34
CA ALA B 85 9.23 1.76 8.95
C ALA B 85 10.71 2.04 8.78
N ASN B 86 11.31 2.77 9.73
CA ASN B 86 12.71 3.12 9.63
C ASN B 86 13.60 1.89 9.73
N LEU B 87 13.23 0.92 10.58
CA LEU B 87 13.92 -0.35 10.60
C LEU B 87 13.79 -1.06 9.26
N ALA B 88 12.58 -1.08 8.68
CA ALA B 88 12.41 -1.73 7.38
C ALA B 88 13.25 -1.05 6.31
N ILE B 89 13.31 0.29 6.35
CA ILE B 89 14.11 1.03 5.39
C ILE B 89 15.60 0.70 5.54
N PHE B 90 16.09 0.65 6.78
CA PHE B 90 17.49 0.31 6.99
C PHE B 90 17.80 -1.10 6.48
N LEU B 91 16.99 -2.08 6.88
CA LEU B 91 17.25 -3.46 6.48
C LEU B 91 17.20 -3.62 4.96
N ALA B 92 16.26 -2.94 4.31
CA ALA B 92 16.18 -3.04 2.86
C ALA B 92 17.37 -2.37 2.21
N ALA B 93 17.90 -1.32 2.85
CA ALA B 93 19.06 -0.64 2.29
C ALA B 93 20.29 -1.53 2.33
N VAL B 94 20.51 -2.25 3.43
CA VAL B 94 21.71 -3.08 3.50
C VAL B 94 21.55 -4.31 2.61
N TYR B 95 20.33 -4.75 2.37
CA TYR B 95 20.11 -5.85 1.43
C TYR B 95 20.04 -5.38 -0.02
N GLY B 96 20.13 -4.08 -0.26
CA GLY B 96 20.16 -3.56 -1.61
C GLY B 96 18.82 -3.23 -2.23
N ALA B 97 17.71 -3.40 -1.51
CA ALA B 97 16.38 -3.14 -2.08
C ALA B 97 16.00 -1.66 -2.11
N LEU B 98 16.60 -0.84 -1.25
CA LEU B 98 16.41 0.60 -1.32
C LEU B 98 17.75 1.24 -1.62
N GLN B 99 17.71 2.38 -2.31
CA GLN B 99 18.93 3.08 -2.73
C GLN B 99 19.25 4.20 -1.74
N ILE B 100 19.95 3.83 -0.67
CA ILE B 100 20.30 4.76 0.40
C ILE B 100 21.78 4.56 0.73
N GLY B 101 22.55 5.63 0.60
CA GLY B 101 24.00 5.53 0.71
C GLY B 101 24.47 5.32 2.13
N PHE B 102 25.71 4.82 2.26
CA PHE B 102 26.26 4.52 3.58
C PHE B 102 26.35 5.76 4.43
N PHE B 103 26.56 6.92 3.81
CA PHE B 103 26.64 8.16 4.58
C PHE B 103 25.33 8.43 5.32
N HIS B 104 24.18 8.16 4.67
CA HIS B 104 22.88 8.34 5.32
C HIS B 104 22.58 7.21 6.31
N LEU B 105 22.99 5.97 6.01
CA LEU B 105 22.88 4.92 7.02
C LEU B 105 23.63 5.31 8.29
N ASN B 106 24.84 5.82 8.15
CA ASN B 106 25.63 6.22 9.30
C ASN B 106 24.98 7.38 10.05
N GLU B 107 24.55 8.41 9.31
CA GLU B 107 24.03 9.62 9.94
C GLU B 107 22.76 9.33 10.72
N ASN B 108 21.95 8.39 10.25
CA ASN B 108 20.66 8.07 10.84
C ASN B 108 20.69 6.83 11.74
N PHE B 109 21.85 6.18 11.91
CA PHE B 109 21.87 4.89 12.62
C PHE B 109 21.21 5.00 13.99
N LEU B 110 21.65 5.99 14.80
CA LEU B 110 21.13 6.09 16.16
C LEU B 110 19.63 6.44 16.17
N GLU B 111 19.16 7.21 15.20
CA GLU B 111 17.74 7.54 15.18
C GLU B 111 16.91 6.30 14.85
N VAL B 112 17.47 5.39 14.07
CA VAL B 112 16.77 4.18 13.63
C VAL B 112 16.77 3.12 14.72
N PHE B 113 17.92 2.90 15.36
CA PHE B 113 18.05 1.81 16.32
C PHE B 113 17.88 2.26 17.76
N ALA B 114 18.02 3.55 18.06
CA ALA B 114 17.87 4.08 19.42
C ALA B 114 17.03 5.34 19.42
N PRO B 115 15.79 5.25 18.95
CA PRO B 115 14.98 6.46 18.80
C PRO B 115 14.50 6.97 20.14
N ASP B 116 14.10 8.24 20.14
CA ASP B 116 13.43 8.87 21.29
C ASP B 116 14.32 8.94 22.51
N GLU B 117 15.62 9.17 22.28
CA GLU B 117 16.61 9.41 23.33
C GLU B 117 16.72 8.24 24.29
N SER B 118 16.44 7.04 23.81
CA SER B 118 16.59 5.84 24.64
C SER B 118 18.06 5.62 25.04
N ASN B 119 18.25 4.78 26.04
CA ASN B 119 19.59 4.43 26.50
C ASN B 119 20.33 3.64 25.43
N ILE B 120 21.55 4.05 25.08
CA ILE B 120 22.32 3.31 24.08
C ILE B 120 22.82 2.00 24.69
N LEU B 121 22.62 0.90 23.97
CA LEU B 121 22.99 -0.42 24.44
C LEU B 121 24.28 -0.91 23.78
N THR B 122 24.97 -1.82 24.48
CA THR B 122 26.29 -2.29 24.04
C THR B 122 26.24 -2.87 22.63
N ASN B 123 25.27 -3.75 22.35
CA ASN B 123 25.16 -4.33 21.02
C ASN B 123 24.88 -3.29 19.93
N GLN B 124 24.12 -2.24 20.25
CA GLN B 124 23.91 -1.15 19.29
C GLN B 124 25.24 -0.47 18.95
N GLY B 125 26.08 -0.25 19.96
CA GLY B 125 27.37 0.37 19.73
C GLY B 125 28.28 -0.48 18.87
N THR B 126 28.33 -1.79 19.15
CA THR B 126 29.09 -2.70 18.30
C THR B 126 28.62 -2.62 16.85
N LEU B 127 27.30 -2.63 16.64
CA LEU B 127 26.77 -2.55 15.29
C LEU B 127 27.09 -1.21 14.64
N TYR B 128 27.01 -0.10 15.39
CA TYR B 128 27.40 1.21 14.89
C TYR B 128 28.82 1.17 14.33
N MET B 129 29.74 0.62 15.13
CA MET B 129 31.15 0.54 14.75
C MET B 129 31.34 -0.27 13.47
N GLU B 130 30.68 -1.43 13.36
CA GLU B 130 30.79 -2.22 12.15
C GLU B 130 30.18 -1.50 10.96
N LEU B 131 29.05 -0.82 11.15
CA LEU B 131 28.47 -0.03 10.05
C LEU B 131 29.46 1.02 9.54
N LYS B 132 30.07 1.78 10.46
CA LYS B 132 31.05 2.78 10.04
C LYS B 132 32.18 2.13 9.26
N THR B 133 32.58 0.93 9.67
CA THR B 133 33.66 0.21 9.00
C THR B 133 33.27 -0.16 7.57
N GLN B 134 32.04 -0.65 7.38
CA GLN B 134 31.59 -0.92 6.02
C GLN B 134 31.46 0.37 5.21
N ALA B 135 30.97 1.45 5.84
CA ALA B 135 30.88 2.74 5.14
C ALA B 135 32.25 3.20 4.66
N TYR B 136 33.28 3.05 5.50
CA TYR B 136 34.62 3.40 5.10
C TYR B 136 35.07 2.58 3.90
N ILE B 137 34.90 1.26 4.00
CA ILE B 137 35.34 0.34 2.94
C ILE B 137 34.63 0.67 1.63
N SER B 138 33.33 0.95 1.68
CA SER B 138 32.61 1.30 0.46
C SER B 138 33.05 2.66 -0.09
N ALA B 139 33.21 3.67 0.78
CA ALA B 139 33.59 4.98 0.30
C ALA B 139 34.95 4.91 -0.38
N MET B 140 35.84 4.06 0.14
CA MET B 140 37.17 3.93 -0.41
C MET B 140 37.13 3.32 -1.80
N ALA B 141 36.18 2.41 -2.05
CA ALA B 141 36.09 1.75 -3.34
C ALA B 141 35.77 2.70 -4.48
N GLN B 142 35.23 3.88 -4.19
CA GLN B 142 34.90 4.85 -5.24
C GLN B 142 36.07 5.71 -5.67
N ALA B 143 37.20 5.62 -4.97
CA ALA B 143 38.40 6.39 -5.29
C ALA B 143 38.08 7.86 -5.46
N GLU B 144 37.21 8.37 -4.60
CA GLU B 144 36.66 9.70 -4.75
C GLU B 144 37.37 10.73 -3.87
N ARG B 145 37.77 10.36 -2.66
CA ARG B 145 38.35 11.34 -1.76
C ARG B 145 39.29 10.63 -0.77
N PRO B 146 40.16 11.39 -0.10
CA PRO B 146 41.22 10.77 0.71
C PRO B 146 40.68 9.92 1.85
N LYS B 147 41.34 8.79 2.07
CA LYS B 147 40.90 7.90 3.13
C LYS B 147 40.83 8.64 4.47
N GLY B 148 41.81 9.51 4.75
CA GLY B 148 41.79 10.25 6.00
C GLY B 148 40.56 11.11 6.16
N ASP B 149 40.10 11.76 5.08
CA ASP B 149 38.87 12.52 5.13
C ASP B 149 37.66 11.63 5.41
N ILE B 150 37.60 10.47 4.76
CA ILE B 150 36.50 9.53 4.98
C ILE B 150 36.45 9.13 6.44
N LEU B 151 37.62 8.79 6.99
CA LEU B 151 37.69 8.28 8.35
C LEU B 151 37.25 9.32 9.36
N ASN B 152 37.60 10.59 9.13
CA ASN B 152 37.27 11.65 10.08
C ASN B 152 35.77 11.95 10.08
N ASP B 153 35.12 11.82 8.92
CA ASP B 153 33.66 11.93 8.88
C ASP B 153 33.02 10.79 9.65
N LEU B 154 33.49 9.56 9.41
CA LEU B 154 32.83 8.37 9.94
C LEU B 154 33.15 8.10 11.40
N PHE B 155 34.33 8.49 11.85
CA PHE B 155 34.82 8.25 13.21
C PHE B 155 35.25 9.60 13.75
N PRO B 156 34.30 10.49 14.05
CA PRO B 156 34.63 11.90 14.25
C PRO B 156 35.14 12.15 15.65
N SER B 157 35.68 13.36 15.84
CA SER B 157 36.28 13.73 17.10
C SER B 157 35.24 14.07 18.17
N ASP B 158 34.01 14.39 17.75
CA ASP B 158 32.97 14.88 18.64
C ASP B 158 31.94 13.81 19.00
N MET B 159 32.33 12.53 19.08
CA MET B 159 31.33 11.50 19.35
C MET B 159 30.69 11.71 20.72
N ALA B 160 31.49 12.13 21.70
CA ALA B 160 30.97 12.34 23.04
C ALA B 160 29.94 13.47 23.07
N HIS B 161 30.25 14.58 22.39
CA HIS B 161 29.29 15.66 22.31
C HIS B 161 28.04 15.21 21.56
N ARG B 162 28.21 14.36 20.54
CA ARG B 162 27.05 13.87 19.79
C ARG B 162 26.13 13.03 20.67
N PHE B 163 26.70 12.16 21.51
CA PHE B 163 25.86 11.34 22.39
C PHE B 163 25.07 12.22 23.35
N LEU B 164 25.72 13.24 23.93
CA LEU B 164 25.03 14.11 24.88
C LEU B 164 23.91 14.86 24.19
N ILE B 165 24.18 15.40 23.01
CA ILE B 165 23.18 16.14 22.27
C ILE B 165 21.95 15.28 21.99
N ARG B 166 22.15 14.01 21.66
CA ARG B 166 21.02 13.21 21.19
C ARG B 166 20.04 12.90 22.30
N ARG B 167 20.47 12.93 23.57
CA ARG B 167 19.58 12.65 24.69
C ARG B 167 19.44 13.86 25.60
N ASN B 168 19.70 15.07 25.08
CA ASN B 168 19.42 16.33 25.78
C ASN B 168 20.09 16.39 27.15
N ALA B 169 21.40 16.17 27.18
CA ALA B 169 22.13 16.26 28.44
C ALA B 169 22.86 17.60 28.56
N LYS B 174 29.16 12.39 32.72
CA LYS B 174 27.99 12.76 31.93
C LYS B 174 27.69 11.68 30.90
N LEU B 175 28.74 11.07 30.33
CA LEU B 175 28.57 9.94 29.43
C LEU B 175 28.27 8.67 30.22
N THR B 176 27.47 7.79 29.63
CA THR B 176 27.24 6.50 30.24
C THR B 176 28.42 5.58 29.99
N TYR B 177 28.47 4.49 30.76
CA TYR B 177 29.54 3.51 30.59
C TYR B 177 29.53 2.94 29.17
N VAL B 178 28.34 2.62 28.66
CA VAL B 178 28.23 2.07 27.31
C VAL B 178 28.74 3.07 26.28
N GLU B 179 28.35 4.35 26.44
CA GLU B 179 28.76 5.38 25.49
C GLU B 179 30.28 5.54 25.49
N LYS B 180 30.89 5.60 26.68
CA LYS B 180 32.34 5.73 26.72
C LYS B 180 33.01 4.50 26.09
N GLN B 181 32.46 3.32 26.34
CA GLN B 181 33.00 2.10 25.72
C GLN B 181 32.87 2.16 24.20
N ILE B 182 31.75 2.68 23.69
CA ILE B 182 31.61 2.81 22.24
C ILE B 182 32.68 3.74 21.68
N ILE B 183 32.89 4.88 22.34
CA ILE B 183 33.91 5.82 21.88
C ILE B 183 35.27 5.13 21.85
N GLU B 184 35.61 4.40 22.91
CA GLU B 184 36.91 3.74 22.97
C GLU B 184 37.05 2.70 21.87
N LYS B 185 36.02 1.86 21.69
CA LYS B 185 36.01 0.88 20.60
C LYS B 185 36.12 1.57 19.24
N CYS B 186 35.37 2.64 19.04
CA CYS B 186 35.41 3.34 17.77
C CYS B 186 36.78 3.96 17.50
N THR B 187 37.38 4.58 18.51
CA THR B 187 38.74 5.11 18.37
C THR B 187 39.72 4.01 17.96
N ALA B 188 39.67 2.87 18.64
CA ALA B 188 40.55 1.75 18.31
C ALA B 188 40.33 1.24 16.90
N ARG B 189 39.06 1.13 16.47
CA ARG B 189 38.76 0.71 15.11
C ARG B 189 39.30 1.71 14.08
N LYS B 190 39.14 3.01 14.35
CA LYS B 190 39.62 4.04 13.44
C LYS B 190 41.12 3.94 13.21
N GLU B 191 41.87 3.80 14.29
CA GLU B 191 43.31 3.63 14.18
C GLU B 191 43.65 2.37 13.39
N ARG B 192 42.95 1.28 13.67
CA ARG B 192 43.19 0.03 12.95
C ARG B 192 42.93 0.21 11.45
N LEU B 193 41.87 0.94 11.11
CA LEU B 193 41.54 1.15 9.71
C LEU B 193 42.60 2.01 9.02
N ALA B 194 43.02 3.10 9.67
CA ALA B 194 43.96 4.03 9.06
C ALA B 194 45.30 3.37 8.79
N ASN B 195 45.75 2.49 9.68
CA ASN B 195 47.08 1.94 9.62
C ASN B 195 47.15 0.59 8.91
N PHE B 196 46.01 0.05 8.48
CA PHE B 196 46.04 -1.24 7.80
C PHE B 196 46.64 -1.12 6.39
N SER B 197 47.35 -2.17 5.98
CA SER B 197 47.96 -2.24 4.67
C SER B 197 48.00 -3.71 4.28
N PRO B 198 47.59 -4.08 3.05
CA PRO B 198 47.04 -3.19 2.03
C PRO B 198 45.58 -2.81 2.31
N GLN B 199 45.24 -1.56 2.02
CA GLN B 199 43.88 -1.06 2.28
C GLN B 199 42.84 -1.85 1.49
N GLU B 200 43.16 -2.31 0.29
CA GLU B 200 42.22 -3.06 -0.53
C GLU B 200 41.83 -4.40 0.07
N ALA B 201 42.55 -4.88 1.07
CA ALA B 201 42.22 -6.14 1.73
C ALA B 201 41.29 -5.97 2.93
N LEU B 202 40.88 -4.74 3.28
CA LEU B 202 40.04 -4.57 4.47
C LEU B 202 38.74 -5.34 4.35
N ASN B 203 38.20 -5.44 3.14
CA ASN B 203 36.96 -6.17 2.97
C ASN B 203 37.10 -7.67 3.22
N GLU B 204 38.32 -8.19 3.40
CA GLU B 204 38.51 -9.56 3.87
C GLU B 204 38.71 -9.60 5.38
N VAL B 205 39.23 -8.53 5.95
CA VAL B 205 39.31 -8.44 7.40
C VAL B 205 37.92 -8.24 7.97
N TYR B 206 37.10 -7.42 7.33
CA TYR B 206 35.75 -7.06 7.77
C TYR B 206 34.79 -7.40 6.64
N PRO B 207 34.48 -8.68 6.44
CA PRO B 207 33.67 -9.08 5.29
C PRO B 207 32.23 -8.59 5.39
N TRP B 208 31.68 -8.23 4.23
CA TRP B 208 30.33 -7.70 4.17
C TRP B 208 29.32 -8.70 4.73
N GLY B 209 29.45 -9.97 4.32
CA GLY B 209 28.47 -10.96 4.71
C GLY B 209 28.31 -11.05 6.22
N LYS B 210 29.44 -10.91 6.93
CA LYS B 210 29.41 -10.96 8.38
C LYS B 210 28.63 -9.78 8.97
N PHE B 211 28.89 -8.57 8.48
CA PHE B 211 28.10 -7.43 8.93
C PHE B 211 26.63 -7.61 8.57
N LEU B 212 26.36 -8.07 7.35
CA LEU B 212 24.97 -8.22 6.93
C LEU B 212 24.23 -9.19 7.85
N SER B 213 24.85 -10.31 8.20
CA SER B 213 24.22 -11.25 9.12
C SER B 213 24.01 -10.63 10.48
N GLU B 214 25.00 -9.89 10.97
CA GLU B 214 24.87 -9.32 12.31
C GLU B 214 23.77 -8.26 12.36
N ILE B 215 23.63 -7.47 11.30
CA ILE B 215 22.62 -6.41 11.32
C ILE B 215 21.22 -6.99 11.14
N ALA B 216 21.07 -7.98 10.26
CA ALA B 216 19.73 -8.54 10.07
C ALA B 216 19.28 -9.30 11.31
N CYS B 217 20.18 -10.08 11.90
CA CYS B 217 19.90 -10.77 13.16
C CYS B 217 19.41 -9.81 14.23
N TYR B 218 20.15 -8.70 14.41
CA TYR B 218 19.80 -7.73 15.44
C TYR B 218 18.41 -7.15 15.18
N ILE B 219 18.17 -6.71 13.95
CA ILE B 219 16.88 -6.12 13.61
C ILE B 219 15.76 -7.14 13.80
N HIS B 220 16.01 -8.39 13.43
CA HIS B 220 15.02 -9.45 13.60
C HIS B 220 14.51 -9.51 15.04
N ASN B 221 15.42 -9.42 16.00
CA ASN B 221 15.13 -9.63 17.41
C ASN B 221 14.81 -8.34 18.18
N ASN B 222 14.59 -7.23 17.50
CA ASN B 222 14.36 -5.96 18.21
C ASN B 222 13.47 -5.04 17.39
N TYR B 223 12.44 -5.59 16.73
CA TYR B 223 11.44 -4.72 16.12
C TYR B 223 10.02 -4.99 16.59
N GLY C 1 35.27 2.71 -9.09
CA GLY C 1 36.15 2.53 -10.22
C GLY C 1 37.59 2.91 -9.92
N PRO C 2 38.47 2.79 -10.91
CA PRO C 2 39.86 3.20 -10.72
C PRO C 2 40.00 4.68 -10.44
N LEU C 3 41.15 5.02 -9.84
CA LEU C 3 41.53 6.40 -9.60
C LEU C 3 41.42 7.25 -10.87
N GLY C 4 40.75 8.39 -10.76
CA GLY C 4 40.61 9.30 -11.89
C GLY C 4 39.59 8.89 -12.92
N SER C 5 38.78 7.89 -12.64
CA SER C 5 37.73 7.48 -13.56
C SER C 5 36.42 8.16 -13.17
N ARG C 6 35.31 7.62 -13.69
CA ARG C 6 34.00 8.25 -13.52
C ARG C 6 33.58 8.34 -12.05
N THR C 7 33.86 7.30 -11.24
CA THR C 7 33.47 7.44 -9.85
C THR C 7 34.35 8.46 -9.13
N SER C 8 35.63 8.59 -9.52
CA SER C 8 36.51 9.55 -8.84
C SER C 8 36.08 10.99 -9.08
N LEU C 9 35.51 11.29 -10.24
CA LEU C 9 35.22 12.66 -10.64
C LEU C 9 33.80 13.10 -10.28
N ILE C 10 33.04 12.27 -9.58
CA ILE C 10 31.65 12.58 -9.21
C ILE C 10 31.54 13.94 -8.50
N PRO C 11 32.40 14.29 -7.55
CA PRO C 11 32.28 15.63 -6.94
C PRO C 11 32.46 16.76 -7.95
N THR C 12 33.33 16.61 -8.95
CA THR C 12 33.50 17.68 -9.92
C THR C 12 32.25 17.81 -10.79
N LEU C 13 31.71 16.67 -11.22
CA LEU C 13 30.49 16.68 -12.03
C LEU C 13 29.33 17.36 -11.28
N GLY C 14 29.14 17.01 -10.01
CA GLY C 14 28.07 17.61 -9.24
C GLY C 14 28.29 19.09 -8.99
N ASN C 15 29.56 19.48 -8.80
CA ASN C 15 29.87 20.87 -8.48
C ASN C 15 29.62 21.77 -9.68
N LEU C 16 30.15 21.39 -10.83
CA LEU C 16 29.88 22.13 -12.07
C LEU C 16 28.41 22.09 -12.45
N SER C 17 27.72 20.95 -12.23
CA SER C 17 26.27 20.91 -12.45
C SER C 17 25.56 21.91 -11.56
N ASN C 18 25.90 21.93 -10.27
CA ASN C 18 25.25 22.86 -9.35
C ASN C 18 25.51 24.32 -9.75
N ILE C 19 26.70 24.61 -10.25
CA ILE C 19 27.02 25.98 -10.68
C ILE C 19 26.15 26.38 -11.87
N ILE C 20 25.98 25.48 -12.84
CA ILE C 20 25.16 25.77 -14.00
C ILE C 20 23.71 25.95 -13.58
N LEU C 21 23.23 25.12 -12.65
CA LEU C 21 21.87 25.22 -12.15
C LEU C 21 21.65 26.52 -11.37
N SER C 22 22.68 27.00 -10.69
CA SER C 22 22.59 28.25 -9.94
C SER C 22 22.59 29.46 -10.88
N ILE C 23 23.52 29.50 -11.82
CA ILE C 23 23.63 30.65 -12.72
C ILE C 23 22.44 30.72 -13.66
N LEU C 24 22.14 29.61 -14.33
CA LEU C 24 20.94 29.62 -15.15
C LEU C 24 19.65 29.49 -14.31
N GLY C 25 19.80 29.53 -12.98
CA GLY C 25 18.71 29.63 -12.04
C GLY C 25 18.23 31.04 -11.81
N LYS C 26 18.88 32.01 -12.46
CA LYS C 26 18.59 33.43 -12.31
C LYS C 26 17.36 33.79 -13.16
N PRO C 27 16.81 35.00 -12.98
CA PRO C 27 15.74 35.45 -13.88
C PRO C 27 16.13 35.31 -15.35
N VAL C 28 15.12 35.03 -16.18
CA VAL C 28 15.35 34.64 -17.57
C VAL C 28 16.21 35.67 -18.30
N GLN C 29 15.89 36.96 -18.15
CA GLN C 29 16.63 37.99 -18.87
C GLN C 29 18.07 38.08 -18.39
N GLU C 30 18.28 37.91 -17.08
CA GLU C 30 19.65 37.83 -16.54
C GLU C 30 20.38 36.62 -17.12
N ALA C 31 19.82 35.42 -16.90
CA ALA C 31 20.48 34.21 -17.38
C ALA C 31 20.73 34.27 -18.88
N SER C 32 19.76 34.77 -19.64
CA SER C 32 19.95 34.83 -21.08
C SER C 32 21.08 35.77 -21.46
N ALA C 33 21.17 36.92 -20.78
CA ALA C 33 22.21 37.88 -21.10
C ALA C 33 23.60 37.32 -20.79
N ILE C 34 23.72 36.56 -19.69
CA ILE C 34 24.99 35.91 -19.37
C ILE C 34 25.47 35.07 -20.54
N VAL C 35 24.56 34.30 -21.16
CA VAL C 35 24.96 33.43 -22.26
C VAL C 35 25.21 34.22 -23.55
N THR C 36 24.33 35.18 -23.85
CA THR C 36 24.36 35.81 -25.16
C THR C 36 25.48 36.84 -25.26
N ASN C 37 25.92 37.40 -24.13
CA ASN C 37 27.05 38.33 -24.09
C ASN C 37 28.25 37.68 -23.41
N PRO C 38 29.05 36.89 -24.13
CA PRO C 38 30.23 36.25 -23.52
C PRO C 38 31.34 37.22 -23.16
N ALA C 39 31.22 38.51 -23.44
CA ALA C 39 32.30 39.43 -23.09
C ALA C 39 32.11 40.07 -21.72
N SER C 40 30.89 40.10 -21.20
CA SER C 40 30.67 40.68 -19.89
C SER C 40 31.48 39.93 -18.84
N GLU C 41 31.53 40.52 -17.64
CA GLU C 41 32.27 39.91 -16.54
C GLU C 41 31.67 38.56 -16.17
N MET C 42 30.35 38.52 -15.99
CA MET C 42 29.67 37.27 -15.71
C MET C 42 29.70 36.35 -16.92
N GLY C 43 29.54 36.91 -18.12
CA GLY C 43 29.60 36.10 -19.33
C GLY C 43 30.93 35.41 -19.49
N MET C 44 32.03 36.12 -19.21
CA MET C 44 33.37 35.54 -19.33
C MET C 44 33.57 34.44 -18.31
N ALA C 45 33.03 34.61 -17.10
CA ALA C 45 33.23 33.61 -16.06
C ALA C 45 32.42 32.36 -16.36
N PHE C 46 31.18 32.55 -16.85
CA PHE C 46 30.33 31.42 -17.18
C PHE C 46 30.93 30.61 -18.31
N THR C 47 31.55 31.29 -19.26
CA THR C 47 32.24 30.57 -20.34
C THR C 47 33.25 29.58 -19.79
N LYS C 48 34.06 30.01 -18.81
CA LYS C 48 35.09 29.13 -18.25
C LYS C 48 34.46 27.93 -17.53
N VAL C 49 33.34 28.15 -16.83
CA VAL C 49 32.62 27.04 -16.18
C VAL C 49 32.09 26.07 -17.23
N MET C 50 31.47 26.59 -18.30
CA MET C 50 30.90 25.72 -19.34
C MET C 50 32.00 24.93 -20.05
N ASN C 51 33.17 25.54 -20.28
CA ASN C 51 34.27 24.77 -20.86
C ASN C 51 34.68 23.60 -19.96
N MET C 52 34.75 23.83 -18.64
CA MET C 52 35.01 22.71 -17.73
C MET C 52 33.89 21.70 -17.79
N PHE C 53 32.63 22.16 -17.83
CA PHE C 53 31.51 21.21 -17.83
C PHE C 53 31.52 20.36 -19.09
N ARG C 54 31.83 20.99 -20.23
CA ARG C 54 31.91 20.24 -21.48
C ARG C 54 32.93 19.11 -21.36
N MET C 55 34.05 19.38 -20.67
CA MET C 55 35.10 18.37 -20.60
C MET C 55 34.71 17.24 -19.65
N VAL C 56 34.15 17.59 -18.49
CA VAL C 56 33.77 16.52 -17.58
C VAL C 56 32.61 15.70 -18.14
N LYS C 57 31.69 16.36 -18.87
CA LYS C 57 30.56 15.65 -19.44
C LYS C 57 31.02 14.59 -20.43
N ASP C 58 32.04 14.92 -21.24
CA ASP C 58 32.60 13.95 -22.18
C ASP C 58 33.12 12.72 -21.46
N ILE C 59 33.56 12.89 -20.20
CA ILE C 59 34.05 11.74 -19.47
C ILE C 59 32.91 10.79 -19.12
N TYR C 60 31.70 11.33 -18.94
CA TYR C 60 30.56 10.53 -18.51
C TYR C 60 29.68 10.06 -19.66
N THR C 61 29.77 10.67 -20.84
CA THR C 61 28.83 10.30 -21.91
C THR C 61 29.39 10.74 -23.26
N GLU C 62 29.14 9.91 -24.28
CA GLU C 62 29.38 10.23 -25.67
C GLU C 62 28.20 10.95 -26.33
N GLU C 63 27.02 10.96 -25.68
CA GLU C 63 25.76 11.47 -26.21
C GLU C 63 25.37 12.78 -25.52
N SER C 64 24.08 13.10 -25.57
CA SER C 64 23.59 14.36 -24.99
C SER C 64 23.51 14.29 -23.47
N PHE C 65 23.01 13.19 -22.92
CA PHE C 65 22.80 13.06 -21.49
C PHE C 65 23.54 11.85 -20.92
N ILE C 66 23.51 11.75 -19.59
CA ILE C 66 24.29 10.77 -18.87
C ILE C 66 23.34 9.72 -18.32
N TYR C 67 23.52 8.48 -18.74
CA TYR C 67 22.70 7.37 -18.26
C TYR C 67 23.53 6.58 -17.26
N SER C 68 23.22 6.72 -15.97
CA SER C 68 24.06 6.13 -14.93
C SER C 68 24.09 4.60 -15.04
N SER C 69 22.96 3.99 -15.39
CA SER C 69 22.93 2.54 -15.56
C SER C 69 23.81 2.11 -16.73
N ALA C 70 23.98 2.97 -17.73
CA ALA C 70 24.78 2.60 -18.88
C ALA C 70 26.27 2.62 -18.57
N ILE C 71 26.70 3.46 -17.62
CA ILE C 71 28.13 3.62 -17.32
C ILE C 71 28.47 3.10 -15.94
N GLY C 72 27.55 2.38 -15.29
CA GLY C 72 27.84 1.71 -14.04
C GLY C 72 27.95 2.59 -12.81
N MET C 73 27.33 3.77 -12.81
CA MET C 73 27.31 4.60 -11.61
C MET C 73 26.26 4.01 -10.66
N ARG C 74 26.73 3.14 -9.76
CA ARG C 74 25.85 2.27 -8.98
C ARG C 74 25.46 2.85 -7.63
N THR C 75 26.33 3.61 -6.95
CA THR C 75 25.98 4.07 -5.61
C THR C 75 24.86 5.12 -5.65
N PRO C 76 24.11 5.25 -4.56
CA PRO C 76 23.02 6.26 -4.57
C PRO C 76 23.49 7.68 -4.86
N SER C 77 24.59 8.14 -4.23
CA SER C 77 25.07 9.50 -4.50
C SER C 77 25.50 9.67 -5.95
N GLN C 78 26.08 8.62 -6.54
CA GLN C 78 26.47 8.66 -7.94
C GLN C 78 25.25 8.82 -8.84
N ARG C 79 24.17 8.08 -8.55
CA ARG C 79 22.98 8.15 -9.40
C ARG C 79 22.29 9.50 -9.25
N SER C 80 22.31 10.05 -8.04
CA SER C 80 21.72 11.38 -7.86
C SER C 80 22.55 12.45 -8.54
N THR C 81 23.87 12.25 -8.62
CA THR C 81 24.69 13.25 -9.27
C THR C 81 24.46 13.25 -10.79
N THR C 82 24.30 12.07 -11.39
CA THR C 82 24.07 12.06 -12.83
C THR C 82 22.71 12.65 -13.16
N ARG C 83 21.70 12.40 -12.32
CA ARG C 83 20.37 12.95 -12.54
C ARG C 83 20.41 14.48 -12.50
N ARG C 84 21.12 15.04 -11.53
CA ARG C 84 21.28 16.48 -11.45
C ARG C 84 22.09 17.01 -12.64
N ALA C 85 23.14 16.29 -13.04
CA ALA C 85 23.90 16.73 -14.20
C ALA C 85 23.02 16.77 -15.45
N ASN C 86 22.07 15.85 -15.56
CA ASN C 86 21.17 15.87 -16.70
C ASN C 86 20.25 17.08 -16.69
N LEU C 87 19.78 17.47 -15.51
CA LEU C 87 18.99 18.69 -15.43
C LEU C 87 19.82 19.88 -15.90
N ALA C 88 21.11 19.91 -15.54
CA ALA C 88 21.95 21.04 -15.92
C ALA C 88 22.29 20.99 -17.38
N ILE C 89 22.44 19.81 -17.96
CA ILE C 89 22.61 19.73 -19.40
C ILE C 89 21.39 20.30 -20.12
N PHE C 90 20.19 19.95 -19.62
CA PHE C 90 18.96 20.40 -20.27
C PHE C 90 18.75 21.91 -20.09
N LEU C 91 19.02 22.43 -18.89
CA LEU C 91 18.93 23.87 -18.66
C LEU C 91 19.94 24.62 -19.53
N ALA C 92 21.16 24.12 -19.62
CA ALA C 92 22.16 24.76 -20.47
C ALA C 92 21.72 24.74 -21.91
N ALA C 93 21.06 23.67 -22.34
CA ALA C 93 20.69 23.52 -23.73
C ALA C 93 19.63 24.54 -24.13
N VAL C 94 18.61 24.73 -23.29
CA VAL C 94 17.56 25.64 -23.67
C VAL C 94 18.03 27.09 -23.58
N TYR C 95 19.10 27.36 -22.82
CA TYR C 95 19.66 28.70 -22.76
C TYR C 95 20.68 28.97 -23.86
N GLY C 96 21.03 27.96 -24.67
CA GLY C 96 22.03 28.12 -25.70
C GLY C 96 23.46 27.91 -25.25
N ALA C 97 23.67 27.58 -23.98
CA ALA C 97 25.01 27.31 -23.47
C ALA C 97 25.57 26.01 -24.01
N LEU C 98 24.70 25.03 -24.27
CA LEU C 98 25.09 23.81 -24.95
C LEU C 98 24.24 23.65 -26.20
N GLN C 99 24.84 23.04 -27.22
CA GLN C 99 24.22 22.89 -28.54
C GLN C 99 23.66 21.46 -28.62
N ILE C 100 22.39 21.32 -28.26
CA ILE C 100 21.70 20.04 -28.28
C ILE C 100 20.35 20.25 -28.94
N GLY C 101 20.12 19.56 -30.06
CA GLY C 101 18.95 19.82 -30.87
C GLY C 101 17.66 19.49 -30.16
N PHE C 102 16.58 20.09 -30.63
CA PHE C 102 15.27 19.82 -30.04
C PHE C 102 14.93 18.34 -30.11
N PHE C 103 15.45 17.63 -31.12
CA PHE C 103 15.19 16.20 -31.23
C PHE C 103 15.75 15.44 -30.02
N HIS C 104 17.02 15.70 -29.69
CA HIS C 104 17.59 15.11 -28.48
C HIS C 104 16.86 15.58 -27.24
N LEU C 105 16.54 16.87 -27.16
CA LEU C 105 15.78 17.36 -26.01
C LEU C 105 14.44 16.65 -25.87
N ASN C 106 13.72 16.50 -26.99
CA ASN C 106 12.43 15.83 -26.92
C ASN C 106 12.61 14.37 -26.51
N GLU C 107 13.59 13.68 -27.11
CA GLU C 107 13.74 12.25 -26.89
C GLU C 107 14.14 11.93 -25.45
N ASN C 108 14.89 12.80 -24.79
CA ASN C 108 15.42 12.51 -23.46
C ASN C 108 14.63 13.20 -22.36
N PHE C 109 13.52 13.86 -22.70
CA PHE C 109 12.79 14.64 -21.71
C PHE C 109 12.36 13.79 -20.52
N LEU C 110 11.71 12.65 -20.79
CA LEU C 110 11.18 11.87 -19.68
C LEU C 110 12.30 11.26 -18.85
N GLU C 111 13.38 10.85 -19.51
CA GLU C 111 14.53 10.30 -18.79
C GLU C 111 15.17 11.36 -17.90
N VAL C 112 15.17 12.61 -18.36
CA VAL C 112 15.73 13.72 -17.60
C VAL C 112 14.82 14.14 -16.47
N PHE C 113 13.52 14.28 -16.75
CA PHE C 113 12.58 14.85 -15.80
C PHE C 113 11.81 13.81 -14.99
N ALA C 114 11.70 12.57 -15.48
CA ALA C 114 11.02 11.50 -14.74
C ALA C 114 11.83 10.21 -14.84
N PRO C 115 13.07 10.21 -14.34
CA PRO C 115 13.88 9.00 -14.41
C PRO C 115 13.34 7.94 -13.45
N ASP C 116 13.84 6.72 -13.63
CA ASP C 116 13.59 5.62 -12.70
C ASP C 116 12.12 5.22 -12.67
N GLU C 117 11.44 5.38 -13.80
CA GLU C 117 10.08 4.89 -14.02
C GLU C 117 9.07 5.47 -13.04
N SER C 118 9.37 6.61 -12.44
CA SER C 118 8.38 7.27 -11.59
C SER C 118 7.13 7.57 -12.41
N ASN C 119 5.96 7.42 -11.76
CA ASN C 119 4.70 7.75 -12.43
C ASN C 119 4.71 9.20 -12.86
N ILE C 120 4.35 9.45 -14.13
CA ILE C 120 4.41 10.80 -14.66
C ILE C 120 3.42 11.69 -13.92
N LEU C 121 3.84 12.91 -13.62
CA LEU C 121 3.00 13.91 -13.01
C LEU C 121 2.36 14.79 -14.09
N THR C 122 1.17 15.31 -13.79
CA THR C 122 0.49 16.17 -14.77
C THR C 122 1.34 17.39 -15.11
N ASN C 123 2.15 17.88 -14.17
CA ASN C 123 2.98 19.03 -14.47
C ASN C 123 4.11 18.67 -15.42
N GLN C 124 4.70 17.47 -15.25
CA GLN C 124 5.74 17.01 -16.17
C GLN C 124 5.18 16.83 -17.57
N GLY C 125 3.96 16.31 -17.68
CA GLY C 125 3.34 16.15 -18.99
C GLY C 125 3.00 17.50 -19.62
N THR C 126 2.58 18.46 -18.79
CA THR C 126 2.39 19.82 -19.27
C THR C 126 3.64 20.35 -19.95
N LEU C 127 4.75 20.39 -19.21
CA LEU C 127 5.99 20.90 -19.79
C LEU C 127 6.44 20.04 -20.97
N TYR C 128 6.17 18.73 -20.94
CA TYR C 128 6.48 17.91 -22.10
C TYR C 128 5.72 18.40 -23.33
N MET C 129 4.45 18.77 -23.13
CA MET C 129 3.63 19.31 -24.23
C MET C 129 4.17 20.66 -24.69
N GLU C 130 4.61 21.49 -23.73
CA GLU C 130 5.16 22.80 -24.10
C GLU C 130 6.48 22.65 -24.84
N LEU C 131 7.29 21.66 -24.48
CA LEU C 131 8.55 21.44 -25.18
C LEU C 131 8.31 20.97 -26.60
N LYS C 132 7.42 19.98 -26.76
CA LYS C 132 7.03 19.56 -28.09
C LYS C 132 6.54 20.74 -28.93
N THR C 133 5.76 21.63 -28.30
CA THR C 133 5.29 22.84 -28.97
C THR C 133 6.44 23.70 -29.47
N GLN C 134 7.42 23.98 -28.60
CA GLN C 134 8.54 24.82 -29.00
C GLN C 134 9.41 24.10 -30.04
N ALA C 135 9.58 22.79 -29.90
CA ALA C 135 10.33 22.05 -30.90
C ALA C 135 9.64 22.09 -32.25
N TYR C 136 8.31 22.17 -32.27
CA TYR C 136 7.60 22.28 -33.53
C TYR C 136 7.81 23.67 -34.14
N ILE C 137 7.55 24.72 -33.36
CA ILE C 137 7.76 26.09 -33.82
C ILE C 137 9.14 26.25 -34.45
N SER C 138 10.18 25.76 -33.76
CA SER C 138 11.54 25.85 -34.30
C SER C 138 11.70 25.00 -35.56
N ALA C 139 11.09 23.81 -35.58
CA ALA C 139 11.21 22.95 -36.74
C ALA C 139 10.54 23.57 -37.96
N MET C 140 9.49 24.38 -37.74
CA MET C 140 8.81 25.02 -38.86
C MET C 140 9.56 26.24 -39.35
N ALA C 141 10.31 26.91 -38.47
CA ALA C 141 11.24 27.93 -38.93
C ALA C 141 12.24 27.33 -39.93
N GLN C 142 12.96 26.27 -39.51
CA GLN C 142 13.96 25.66 -40.38
C GLN C 142 13.35 25.12 -41.66
N ALA C 143 12.07 24.72 -41.60
CA ALA C 143 11.26 24.34 -42.76
C ALA C 143 12.03 23.45 -43.74
N GLU C 144 12.80 22.49 -43.22
CA GLU C 144 13.41 21.46 -44.05
C GLU C 144 12.48 20.29 -44.32
N ARG C 145 11.45 20.11 -43.49
CA ARG C 145 10.59 18.94 -43.48
C ARG C 145 9.13 19.36 -43.59
N PRO C 146 8.29 18.51 -44.20
CA PRO C 146 6.86 18.82 -44.27
C PRO C 146 6.21 18.83 -42.89
N LYS C 147 5.17 19.67 -42.79
CA LYS C 147 4.48 19.88 -41.52
C LYS C 147 4.04 18.57 -40.87
N GLY C 148 3.50 17.64 -41.68
CA GLY C 148 3.03 16.37 -41.13
C GLY C 148 4.16 15.51 -40.58
N ASP C 149 5.30 15.46 -41.27
CA ASP C 149 6.46 14.75 -40.75
C ASP C 149 6.86 15.28 -39.38
N ILE C 150 6.80 16.60 -39.21
CA ILE C 150 7.24 17.21 -37.96
C ILE C 150 6.23 16.99 -36.85
N LEU C 151 4.94 17.11 -37.16
CA LEU C 151 3.92 16.84 -36.14
C LEU C 151 3.93 15.37 -35.74
N ASN C 152 4.15 14.47 -36.70
CA ASN C 152 4.30 13.05 -36.39
C ASN C 152 5.38 12.82 -35.34
N ASP C 153 6.59 13.32 -35.62
CA ASP C 153 7.72 13.10 -34.72
C ASP C 153 7.43 13.63 -33.32
N LEU C 154 6.93 14.87 -33.23
CA LEU C 154 6.80 15.50 -31.94
C LEU C 154 5.52 15.11 -31.20
N PHE C 155 4.42 14.90 -31.92
CA PHE C 155 3.15 14.49 -31.33
C PHE C 155 2.74 13.17 -31.96
N PRO C 156 3.36 12.07 -31.56
CA PRO C 156 3.18 10.80 -32.28
C PRO C 156 1.95 10.03 -31.81
N SER C 157 1.59 9.03 -32.60
CA SER C 157 0.40 8.23 -32.34
C SER C 157 0.64 7.22 -31.22
N ASP C 158 1.82 6.63 -31.17
CA ASP C 158 2.15 5.61 -30.18
C ASP C 158 2.50 6.19 -28.82
N MET C 159 2.00 7.40 -28.52
CA MET C 159 2.26 7.99 -27.20
C MET C 159 1.77 7.08 -26.08
N ALA C 160 0.69 6.34 -26.31
CA ALA C 160 0.21 5.36 -25.34
C ALA C 160 1.25 4.27 -25.10
N HIS C 161 1.65 3.58 -26.17
CA HIS C 161 2.65 2.53 -26.06
C HIS C 161 3.92 3.05 -25.39
N ARG C 162 4.35 4.26 -25.74
CA ARG C 162 5.57 4.81 -25.15
C ARG C 162 5.44 4.96 -23.64
N PHE C 163 4.31 5.47 -23.15
CA PHE C 163 4.11 5.56 -21.71
C PHE C 163 4.09 4.17 -21.05
N LEU C 164 3.52 3.18 -21.74
CA LEU C 164 3.49 1.82 -21.20
C LEU C 164 4.88 1.20 -21.20
N ILE C 165 5.57 1.26 -22.35
CA ILE C 165 6.92 0.74 -22.49
C ILE C 165 7.84 1.36 -21.46
N ARG C 166 7.63 2.64 -21.16
CA ARG C 166 8.53 3.37 -20.27
C ARG C 166 8.56 2.76 -18.88
N ARG C 167 7.43 2.25 -18.39
CA ARG C 167 7.35 1.69 -17.04
C ARG C 167 7.10 0.19 -17.05
N ASN C 168 7.62 -0.51 -18.07
CA ASN C 168 7.71 -1.97 -18.08
C ASN C 168 6.34 -2.62 -17.88
N ALA C 169 5.37 -2.20 -18.68
CA ALA C 169 4.00 -2.66 -18.51
C ALA C 169 3.57 -3.63 -19.60
N LYS C 174 -4.87 0.64 -19.62
CA LYS C 174 -3.66 0.27 -18.88
C LYS C 174 -2.88 1.52 -18.51
N LEU C 175 -3.28 2.65 -19.10
CA LEU C 175 -2.66 3.93 -18.76
C LEU C 175 -3.23 4.47 -17.46
N THR C 176 -2.44 5.31 -16.78
CA THR C 176 -2.93 6.01 -15.61
C THR C 176 -3.82 7.18 -16.02
N TYR C 177 -4.79 7.49 -15.18
CA TYR C 177 -5.70 8.60 -15.46
C TYR C 177 -4.93 9.85 -15.85
N VAL C 178 -3.79 10.09 -15.19
CA VAL C 178 -2.94 11.24 -15.51
C VAL C 178 -2.34 11.08 -16.91
N GLU C 179 -1.91 9.87 -17.26
CA GLU C 179 -1.25 9.67 -18.55
C GLU C 179 -2.22 9.84 -19.71
N LYS C 180 -3.48 9.42 -19.54
CA LYS C 180 -4.43 9.62 -20.62
C LYS C 180 -4.87 11.07 -20.71
N GLN C 181 -4.82 11.81 -19.59
CA GLN C 181 -5.02 13.26 -19.63
C GLN C 181 -3.94 13.96 -20.43
N ILE C 182 -2.70 13.47 -20.33
CA ILE C 182 -1.59 14.12 -21.02
C ILE C 182 -1.71 13.89 -22.52
N ILE C 183 -2.11 12.68 -22.92
CA ILE C 183 -2.28 12.39 -24.33
C ILE C 183 -3.38 13.25 -24.93
N GLU C 184 -4.45 13.52 -24.18
CA GLU C 184 -5.54 14.35 -24.70
C GLU C 184 -5.16 15.83 -24.72
N LYS C 185 -4.45 16.30 -23.69
CA LYS C 185 -3.86 17.63 -23.75
C LYS C 185 -2.88 17.74 -24.91
N CYS C 186 -2.17 16.64 -25.20
CA CYS C 186 -1.19 16.61 -26.29
C CYS C 186 -1.89 16.66 -27.64
N THR C 187 -2.79 15.70 -27.89
CA THR C 187 -3.49 15.64 -29.18
C THR C 187 -4.18 16.95 -29.51
N ALA C 188 -4.82 17.58 -28.51
CA ALA C 188 -5.47 18.87 -28.72
C ALA C 188 -4.46 19.96 -29.08
N ARG C 189 -3.31 19.98 -28.38
CA ARG C 189 -2.26 20.93 -28.74
C ARG C 189 -1.76 20.70 -30.17
N LYS C 190 -1.71 19.43 -30.60
CA LYS C 190 -1.29 19.13 -31.96
C LYS C 190 -2.31 19.63 -32.98
N GLU C 191 -3.59 19.35 -32.76
CA GLU C 191 -4.63 19.83 -33.66
C GLU C 191 -4.57 21.34 -33.81
N ARG C 192 -4.38 22.06 -32.70
CA ARG C 192 -4.27 23.50 -32.77
C ARG C 192 -3.07 23.93 -33.60
N LEU C 193 -1.93 23.24 -33.44
CA LEU C 193 -0.75 23.58 -34.21
C LEU C 193 -0.91 23.17 -35.67
N ALA C 194 -1.53 22.02 -35.92
CA ALA C 194 -1.74 21.57 -37.30
C ALA C 194 -2.66 22.53 -38.08
N ASN C 195 -3.37 23.46 -37.38
CA ASN C 195 -4.35 24.35 -37.99
C ASN C 195 -4.20 25.75 -37.37
N PHE C 196 -3.05 26.39 -37.57
CA PHE C 196 -2.88 27.75 -37.06
C PHE C 196 -2.22 28.62 -38.13
N SER C 197 -2.90 29.70 -38.49
CA SER C 197 -2.46 30.68 -39.46
C SER C 197 -2.59 32.06 -38.82
N PRO C 198 -1.56 32.92 -38.92
CA PRO C 198 -0.25 32.66 -39.54
C PRO C 198 0.61 31.68 -38.76
N GLN C 199 1.25 30.75 -39.47
CA GLN C 199 2.10 29.77 -38.81
C GLN C 199 3.29 30.40 -38.08
N GLU C 200 3.62 31.66 -38.40
CA GLU C 200 4.68 32.37 -37.70
C GLU C 200 4.15 33.31 -36.62
N ALA C 201 2.84 33.30 -36.36
CA ALA C 201 2.31 33.92 -35.15
C ALA C 201 2.37 32.98 -33.95
N LEU C 202 2.64 31.68 -34.17
CA LEU C 202 2.80 30.75 -33.06
C LEU C 202 3.89 31.19 -32.10
N ASN C 203 4.88 31.96 -32.58
CA ASN C 203 5.87 32.52 -31.69
C ASN C 203 5.25 33.50 -30.71
N GLU C 204 4.19 34.21 -31.12
CA GLU C 204 3.48 35.12 -30.23
C GLU C 204 2.44 34.40 -29.39
N VAL C 205 1.87 33.31 -29.89
CA VAL C 205 0.85 32.59 -29.15
C VAL C 205 1.46 31.86 -27.95
N TYR C 206 2.59 31.17 -28.16
CA TYR C 206 3.36 30.54 -27.08
C TYR C 206 4.76 31.15 -27.09
N PRO C 207 4.98 32.24 -26.34
CA PRO C 207 6.32 32.86 -26.33
C PRO C 207 7.38 31.89 -25.80
N TRP C 208 8.56 31.96 -26.42
CA TRP C 208 9.67 31.11 -25.98
C TRP C 208 10.08 31.45 -24.55
N GLY C 209 10.18 32.75 -24.25
CA GLY C 209 10.55 33.17 -22.91
C GLY C 209 9.59 32.67 -21.84
N LYS C 210 8.35 32.39 -22.23
CA LYS C 210 7.38 31.77 -21.32
C LYS C 210 7.77 30.33 -21.04
N PHE C 211 8.04 29.55 -22.09
CA PHE C 211 8.53 28.19 -21.91
C PHE C 211 9.81 28.18 -21.07
N LEU C 212 10.78 29.00 -21.46
CA LEU C 212 12.04 29.10 -20.74
C LEU C 212 11.79 29.33 -19.26
N SER C 213 10.89 30.27 -18.94
CA SER C 213 10.58 30.54 -17.55
C SER C 213 9.91 29.35 -16.87
N GLU C 214 9.10 28.59 -17.61
CA GLU C 214 8.42 27.41 -17.05
C GLU C 214 9.42 26.29 -16.77
N ILE C 215 10.29 26.00 -17.74
CA ILE C 215 11.33 24.99 -17.54
C ILE C 215 12.22 25.39 -16.37
N ALA C 216 12.76 26.62 -16.43
CA ALA C 216 13.68 27.05 -15.38
C ALA C 216 13.01 26.95 -14.02
N CYS C 217 11.82 27.54 -13.88
CA CYS C 217 11.08 27.46 -12.62
C CYS C 217 10.89 26.01 -12.19
N TYR C 218 10.51 25.13 -13.12
CA TYR C 218 10.32 23.72 -12.76
C TYR C 218 11.62 23.11 -12.26
N ILE C 219 12.70 23.30 -13.03
CA ILE C 219 14.00 22.77 -12.62
C ILE C 219 14.44 23.38 -11.30
N HIS C 220 14.29 24.70 -11.15
CA HIS C 220 14.70 25.38 -9.92
C HIS C 220 13.93 24.88 -8.71
N ASN C 221 12.75 24.29 -8.90
CA ASN C 221 11.97 23.79 -7.79
C ASN C 221 11.93 22.27 -7.72
N ASN C 222 12.56 21.57 -8.68
CA ASN C 222 12.53 20.10 -8.71
C ASN C 222 13.91 19.51 -8.95
N TYR C 223 14.97 20.20 -8.51
CA TYR C 223 16.31 19.62 -8.52
C TYR C 223 16.90 19.64 -7.11
N LEU D 3 3.94 -15.27 2.90
CA LEU D 3 4.62 -14.01 3.26
C LEU D 3 4.74 -13.07 2.06
N GLY D 4 4.19 -11.87 2.17
CA GLY D 4 4.07 -11.00 1.03
C GLY D 4 3.00 -11.42 0.05
N SER D 5 2.20 -12.41 0.42
CA SER D 5 1.12 -12.92 -0.40
C SER D 5 -0.18 -12.18 -0.09
N ARG D 6 -1.29 -12.69 -0.64
CA ARG D 6 -2.60 -12.08 -0.47
C ARG D 6 -3.05 -12.01 0.99
N THR D 7 -2.78 -13.05 1.80
CA THR D 7 -3.18 -12.89 3.20
C THR D 7 -2.33 -11.83 3.90
N SER D 8 -1.03 -11.75 3.57
CA SER D 8 -0.14 -10.80 4.24
C SER D 8 -0.58 -9.35 3.99
N LEU D 9 -1.18 -9.06 2.85
CA LEU D 9 -1.41 -7.69 2.42
C LEU D 9 -2.81 -7.20 2.72
N ILE D 10 -3.61 -8.01 3.41
CA ILE D 10 -5.00 -7.68 3.70
C ILE D 10 -5.11 -6.32 4.39
N PRO D 11 -4.25 -5.97 5.36
CA PRO D 11 -4.34 -4.61 5.94
C PRO D 11 -4.16 -3.49 4.94
N THR D 12 -3.27 -3.64 3.96
CA THR D 12 -3.08 -2.59 2.96
C THR D 12 -4.29 -2.51 2.04
N LEU D 13 -4.79 -3.66 1.59
CA LEU D 13 -5.99 -3.69 0.77
C LEU D 13 -7.14 -2.95 1.47
N GLY D 14 -7.39 -3.29 2.73
CA GLY D 14 -8.48 -2.65 3.46
C GLY D 14 -8.26 -1.16 3.70
N ASN D 15 -7.01 -0.77 4.00
CA ASN D 15 -6.71 0.63 4.28
C ASN D 15 -6.89 1.50 3.03
N LEU D 16 -6.31 1.08 1.92
CA LEU D 16 -6.49 1.82 0.68
C LEU D 16 -7.96 1.84 0.27
N SER D 17 -8.68 0.74 0.47
CA SER D 17 -10.11 0.73 0.14
C SER D 17 -10.87 1.76 0.98
N ASN D 18 -10.62 1.77 2.29
CA ASN D 18 -11.24 2.76 3.17
C ASN D 18 -10.93 4.19 2.73
N ILE D 19 -9.69 4.47 2.32
CA ILE D 19 -9.36 5.83 1.90
C ILE D 19 -10.14 6.20 0.64
N ILE D 20 -10.16 5.30 -0.35
CA ILE D 20 -10.94 5.54 -1.57
C ILE D 20 -12.40 5.81 -1.22
N LEU D 21 -12.99 4.92 -0.41
CA LEU D 21 -14.38 5.08 -0.02
C LEU D 21 -14.62 6.37 0.74
N SER D 22 -13.63 6.85 1.49
CA SER D 22 -13.81 8.11 2.20
C SER D 22 -13.68 9.31 1.26
N ILE D 23 -12.66 9.33 0.41
CA ILE D 23 -12.42 10.46 -0.48
C ILE D 23 -13.50 10.55 -1.54
N LEU D 24 -13.83 9.41 -2.16
CA LEU D 24 -14.87 9.41 -3.18
C LEU D 24 -16.27 9.31 -2.58
N GLY D 25 -16.38 9.28 -1.25
CA GLY D 25 -17.62 9.49 -0.55
C GLY D 25 -17.91 10.97 -0.25
N LYS D 26 -17.15 11.88 -0.85
CA LYS D 26 -17.44 13.30 -0.75
C LYS D 26 -18.58 13.68 -1.71
N PRO D 27 -19.23 14.84 -1.51
CA PRO D 27 -20.22 15.31 -2.48
C PRO D 27 -19.69 15.28 -3.91
N VAL D 28 -20.59 14.96 -4.84
CA VAL D 28 -20.18 14.48 -6.17
C VAL D 28 -19.24 15.48 -6.85
N GLN D 29 -19.60 16.77 -6.82
CA GLN D 29 -18.77 17.75 -7.54
C GLN D 29 -17.38 17.85 -6.92
N GLU D 30 -17.25 17.65 -5.61
CA GLU D 30 -15.93 17.64 -5.02
C GLU D 30 -15.18 16.37 -5.41
N ALA D 31 -15.84 15.22 -5.33
CA ALA D 31 -15.22 13.97 -5.72
C ALA D 31 -14.78 13.99 -7.18
N SER D 32 -15.64 14.50 -8.07
CA SER D 32 -15.28 14.49 -9.49
C SER D 32 -14.11 15.43 -9.77
N ALA D 33 -14.01 16.55 -9.04
CA ALA D 33 -12.89 17.46 -9.23
C ALA D 33 -11.58 16.81 -8.79
N ILE D 34 -11.61 15.99 -7.75
CA ILE D 34 -10.39 15.30 -7.32
C ILE D 34 -9.84 14.42 -8.44
N VAL D 35 -10.72 13.76 -9.18
CA VAL D 35 -10.27 12.89 -10.27
C VAL D 35 -9.84 13.71 -11.48
N THR D 36 -10.62 14.70 -11.86
CA THR D 36 -10.35 15.43 -13.10
C THR D 36 -9.24 16.45 -12.97
N ASN D 37 -8.84 16.82 -11.77
CA ASN D 37 -7.81 17.83 -11.57
C ASN D 37 -6.74 17.27 -10.64
N PRO D 38 -5.88 16.38 -11.13
CA PRO D 38 -4.83 15.83 -10.27
C PRO D 38 -3.70 16.79 -9.97
N ALA D 39 -3.73 18.00 -10.52
CA ALA D 39 -2.76 19.02 -10.13
C ALA D 39 -3.12 19.65 -8.78
N SER D 40 -4.40 19.62 -8.42
CA SER D 40 -4.85 20.17 -7.15
C SER D 40 -4.23 19.42 -5.99
N GLU D 41 -4.20 20.09 -4.83
CA GLU D 41 -3.62 19.48 -3.63
C GLU D 41 -4.27 18.14 -3.34
N MET D 42 -5.60 18.10 -3.25
CA MET D 42 -6.29 16.83 -2.99
C MET D 42 -6.16 15.88 -4.19
N GLY D 43 -6.17 16.44 -5.41
CA GLY D 43 -6.00 15.60 -6.59
C GLY D 43 -4.65 14.92 -6.64
N MET D 44 -3.61 15.61 -6.19
CA MET D 44 -2.27 15.02 -6.20
C MET D 44 -2.17 13.90 -5.18
N ALA D 45 -2.75 14.10 -4.00
CA ALA D 45 -2.75 13.07 -2.96
C ALA D 45 -3.53 11.86 -3.39
N PHE D 46 -4.67 12.07 -4.05
CA PHE D 46 -5.49 10.95 -4.49
C PHE D 46 -4.82 10.15 -5.60
N THR D 47 -4.08 10.81 -6.49
CA THR D 47 -3.31 10.08 -7.50
C THR D 47 -2.36 9.07 -6.84
N LYS D 48 -1.68 9.48 -5.76
CA LYS D 48 -0.73 8.57 -5.12
C LYS D 48 -1.46 7.39 -4.50
N VAL D 49 -2.59 7.63 -3.84
CA VAL D 49 -3.43 6.57 -3.29
C VAL D 49 -3.90 5.62 -4.40
N MET D 50 -4.35 6.19 -5.53
CA MET D 50 -4.86 5.34 -6.61
C MET D 50 -3.74 4.53 -7.25
N ASN D 51 -2.53 5.06 -7.30
CA ASN D 51 -1.44 4.29 -7.89
C ASN D 51 -1.06 3.12 -6.97
N MET D 52 -1.14 3.32 -5.66
CA MET D 52 -0.95 2.22 -4.71
C MET D 52 -2.10 1.21 -4.81
N PHE D 53 -3.34 1.68 -4.92
CA PHE D 53 -4.46 0.75 -4.99
C PHE D 53 -4.41 -0.10 -6.26
N ARG D 54 -4.01 0.49 -7.39
CA ARG D 54 -3.93 -0.29 -8.62
C ARG D 54 -2.92 -1.41 -8.48
N MET D 55 -1.81 -1.13 -7.81
CA MET D 55 -0.78 -2.15 -7.57
C MET D 55 -1.32 -3.23 -6.64
N VAL D 56 -1.94 -2.85 -5.53
CA VAL D 56 -2.44 -3.86 -4.59
C VAL D 56 -3.57 -4.67 -5.22
N LYS D 57 -4.45 -4.02 -5.98
CA LYS D 57 -5.54 -4.75 -6.63
C LYS D 57 -5.00 -5.85 -7.53
N ASP D 58 -3.96 -5.54 -8.32
CA ASP D 58 -3.35 -6.55 -9.19
C ASP D 58 -2.86 -7.78 -8.40
N ILE D 59 -2.49 -7.62 -7.13
CA ILE D 59 -2.08 -8.78 -6.33
C ILE D 59 -3.27 -9.69 -6.05
N TYR D 60 -4.47 -9.13 -5.93
CA TYR D 60 -5.63 -9.90 -5.57
C TYR D 60 -6.39 -10.43 -6.76
N THR D 61 -6.28 -9.79 -7.91
CA THR D 61 -7.12 -10.21 -9.03
C THR D 61 -6.48 -9.75 -10.32
N GLU D 62 -6.61 -10.57 -11.35
CA GLU D 62 -6.23 -10.12 -12.68
C GLU D 62 -7.44 -9.68 -13.48
N GLU D 63 -8.62 -9.68 -12.86
CA GLU D 63 -9.85 -9.22 -13.47
C GLU D 63 -10.26 -7.89 -12.84
N SER D 64 -11.53 -7.53 -12.99
CA SER D 64 -12.02 -6.26 -12.49
C SER D 64 -12.22 -6.26 -10.99
N PHE D 65 -12.74 -7.37 -10.43
CA PHE D 65 -13.06 -7.41 -9.00
C PHE D 65 -12.40 -8.62 -8.34
N ILE D 66 -12.49 -8.65 -7.02
CA ILE D 66 -11.82 -9.64 -6.20
C ILE D 66 -12.87 -10.62 -5.67
N TYR D 67 -12.66 -11.91 -5.90
CA TYR D 67 -13.54 -12.95 -5.38
C TYR D 67 -12.73 -13.81 -4.42
N SER D 68 -13.04 -13.70 -3.11
CA SER D 68 -12.23 -14.34 -2.08
C SER D 68 -12.28 -15.86 -2.17
N SER D 69 -13.42 -16.40 -2.61
CA SER D 69 -13.50 -17.84 -2.83
C SER D 69 -12.47 -18.27 -3.87
N ALA D 70 -12.31 -17.48 -4.94
CA ALA D 70 -11.43 -17.89 -6.03
C ALA D 70 -9.98 -17.86 -5.60
N ILE D 71 -9.59 -16.89 -4.78
CA ILE D 71 -8.20 -16.75 -4.35
C ILE D 71 -8.01 -17.21 -2.91
N GLY D 72 -9.01 -17.88 -2.33
CA GLY D 72 -8.86 -18.58 -1.08
C GLY D 72 -8.65 -17.72 0.15
N MET D 73 -9.30 -16.56 0.21
CA MET D 73 -9.29 -15.76 1.43
C MET D 73 -10.34 -16.36 2.37
N ARG D 74 -9.86 -17.16 3.32
CA ARG D 74 -10.72 -18.03 4.13
C ARG D 74 -11.31 -17.30 5.32
N THR D 75 -10.48 -16.55 6.06
CA THR D 75 -10.88 -16.04 7.37
C THR D 75 -11.98 -14.98 7.24
N PRO D 76 -12.80 -14.82 8.28
CA PRO D 76 -13.85 -13.80 8.20
C PRO D 76 -13.34 -12.41 7.91
N SER D 77 -12.24 -12.00 8.54
CA SER D 77 -11.74 -10.64 8.34
C SER D 77 -11.22 -10.45 6.91
N GLN D 78 -10.63 -11.50 6.32
CA GLN D 78 -10.20 -11.46 4.92
C GLN D 78 -11.39 -11.27 3.98
N ARG D 79 -12.48 -12.01 4.21
CA ARG D 79 -13.62 -11.90 3.31
C ARG D 79 -14.32 -10.57 3.46
N SER D 80 -14.31 -10.03 4.69
CA SER D 80 -14.86 -8.69 4.89
C SER D 80 -14.03 -7.64 4.14
N THR D 81 -12.70 -7.84 4.10
CA THR D 81 -11.86 -6.87 3.42
C THR D 81 -12.06 -6.92 1.91
N THR D 82 -12.17 -8.11 1.33
CA THR D 82 -12.36 -8.18 -0.12
C THR D 82 -13.69 -7.58 -0.52
N ARG D 83 -14.73 -7.77 0.29
CA ARG D 83 -16.04 -7.21 -0.02
C ARG D 83 -15.99 -5.69 -0.02
N ARG D 84 -15.29 -5.13 0.96
CA ARG D 84 -15.09 -3.69 1.03
C ARG D 84 -14.21 -3.20 -0.10
N ALA D 85 -13.18 -3.97 -0.48
CA ALA D 85 -12.36 -3.58 -1.61
C ALA D 85 -13.18 -3.51 -2.90
N ASN D 86 -14.15 -4.41 -3.05
CA ASN D 86 -14.96 -4.45 -4.27
C ASN D 86 -15.87 -3.24 -4.39
N LEU D 87 -16.41 -2.75 -3.28
CA LEU D 87 -17.12 -1.49 -3.31
C LEU D 87 -16.19 -0.34 -3.73
N ALA D 88 -14.95 -0.34 -3.23
CA ALA D 88 -14.06 0.76 -3.55
C ALA D 88 -13.64 0.71 -5.01
N ILE D 89 -13.44 -0.49 -5.54
CA ILE D 89 -13.20 -0.63 -6.98
C ILE D 89 -14.36 -0.02 -7.76
N PHE D 90 -15.58 -0.37 -7.37
CA PHE D 90 -16.75 0.09 -8.12
C PHE D 90 -16.85 1.61 -8.07
N LEU D 91 -16.65 2.18 -6.88
CA LEU D 91 -16.71 3.62 -6.75
C LEU D 91 -15.62 4.31 -7.58
N ALA D 92 -14.39 3.80 -7.55
CA ALA D 92 -13.34 4.38 -8.38
C ALA D 92 -13.70 4.30 -9.86
N ALA D 93 -14.30 3.19 -10.28
CA ALA D 93 -14.60 2.98 -11.69
C ALA D 93 -15.57 4.04 -12.21
N VAL D 94 -16.67 4.29 -11.49
CA VAL D 94 -17.66 5.23 -11.99
C VAL D 94 -17.17 6.67 -11.88
N TYR D 95 -16.22 6.96 -10.99
CA TYR D 95 -15.60 8.26 -11.02
C TYR D 95 -14.47 8.37 -12.03
N GLY D 96 -14.07 7.26 -12.65
CA GLY D 96 -13.00 7.31 -13.63
C GLY D 96 -11.62 7.21 -13.05
N ALA D 97 -11.51 6.98 -11.73
CA ALA D 97 -10.22 6.69 -11.12
C ALA D 97 -9.66 5.35 -11.58
N LEU D 98 -10.52 4.38 -11.89
CA LEU D 98 -10.10 3.12 -12.49
C LEU D 98 -10.85 2.95 -13.80
N GLN D 99 -10.19 2.29 -14.77
CA GLN D 99 -10.76 2.04 -16.09
C GLN D 99 -11.34 0.63 -16.06
N ILE D 100 -12.63 0.53 -15.76
CA ILE D 100 -13.35 -0.73 -15.70
C ILE D 100 -14.59 -0.56 -16.56
N GLY D 101 -14.65 -1.29 -17.67
CA GLY D 101 -15.75 -1.13 -18.62
C GLY D 101 -17.11 -1.37 -17.99
N PHE D 102 -18.14 -0.74 -18.58
CA PHE D 102 -19.51 -0.92 -18.12
C PHE D 102 -19.95 -2.37 -18.15
N PHE D 103 -19.44 -3.15 -19.11
CA PHE D 103 -19.83 -4.55 -19.18
C PHE D 103 -19.42 -5.29 -17.91
N HIS D 104 -18.19 -5.04 -17.44
CA HIS D 104 -17.74 -5.65 -16.19
C HIS D 104 -18.49 -5.07 -15.00
N LEU D 105 -18.78 -3.77 -15.02
CA LEU D 105 -19.61 -3.21 -13.96
C LEU D 105 -20.94 -3.96 -13.85
N ASN D 106 -21.65 -4.09 -14.96
CA ASN D 106 -22.93 -4.79 -14.96
C ASN D 106 -22.78 -6.25 -14.53
N GLU D 107 -21.84 -6.98 -15.14
CA GLU D 107 -21.70 -8.41 -14.88
C GLU D 107 -21.37 -8.70 -13.42
N ASN D 108 -20.75 -7.75 -12.72
CA ASN D 108 -20.34 -7.96 -11.33
C ASN D 108 -21.20 -7.24 -10.32
N PHE D 109 -22.22 -6.50 -10.77
CA PHE D 109 -22.94 -5.61 -9.87
C PHE D 109 -23.47 -6.37 -8.65
N LEU D 110 -24.11 -7.51 -8.88
CA LEU D 110 -24.71 -8.27 -7.77
C LEU D 110 -23.65 -8.90 -6.87
N GLU D 111 -22.52 -9.31 -7.43
CA GLU D 111 -21.44 -9.83 -6.59
C GLU D 111 -20.86 -8.72 -5.72
N VAL D 112 -20.84 -7.49 -6.24
CA VAL D 112 -20.30 -6.35 -5.51
C VAL D 112 -21.26 -5.89 -4.43
N PHE D 113 -22.54 -5.70 -4.77
CA PHE D 113 -23.46 -5.06 -3.85
C PHE D 113 -24.29 -6.04 -3.03
N ALA D 114 -24.34 -7.31 -3.43
CA ALA D 114 -25.09 -8.33 -2.69
C ALA D 114 -24.32 -9.65 -2.75
N PRO D 115 -23.13 -9.69 -2.15
CA PRO D 115 -22.37 -10.95 -2.14
C PRO D 115 -22.95 -11.94 -1.14
N ASP D 116 -22.50 -13.20 -1.28
CA ASP D 116 -22.78 -14.27 -0.31
C ASP D 116 -24.28 -14.60 -0.24
N GLU D 117 -24.95 -14.59 -1.39
CA GLU D 117 -26.32 -15.09 -1.51
C GLU D 117 -27.27 -14.42 -0.53
N SER D 118 -26.97 -13.17 -0.17
CA SER D 118 -27.88 -12.39 0.65
C SER D 118 -29.13 -12.03 -0.15
N ASN D 119 -30.19 -11.67 0.58
CA ASN D 119 -31.43 -11.25 -0.07
C ASN D 119 -31.23 -9.93 -0.79
N ILE D 120 -31.57 -9.92 -2.09
CA ILE D 120 -31.45 -8.69 -2.87
C ILE D 120 -32.50 -7.69 -2.42
N LEU D 121 -32.12 -6.42 -2.36
CA LEU D 121 -32.97 -5.35 -1.87
C LEU D 121 -33.50 -4.48 -3.02
N THR D 122 -34.43 -3.59 -2.66
CA THR D 122 -35.14 -2.82 -3.67
C THR D 122 -34.24 -1.77 -4.31
N ASN D 123 -33.61 -0.93 -3.50
CA ASN D 123 -32.75 0.12 -4.05
C ASN D 123 -31.63 -0.46 -4.90
N GLN D 124 -31.11 -1.63 -4.51
CA GLN D 124 -30.14 -2.34 -5.33
C GLN D 124 -30.69 -2.60 -6.72
N GLY D 125 -31.93 -3.08 -6.81
CA GLY D 125 -32.52 -3.31 -8.11
C GLY D 125 -32.65 -2.04 -8.92
N THR D 126 -33.08 -0.95 -8.27
CA THR D 126 -33.16 0.31 -8.99
C THR D 126 -31.79 0.71 -9.54
N LEU D 127 -30.74 0.57 -8.72
CA LEU D 127 -29.38 0.89 -9.18
C LEU D 127 -28.92 -0.04 -10.28
N TYR D 128 -29.18 -1.35 -10.13
CA TYR D 128 -28.93 -2.32 -11.20
C TYR D 128 -29.55 -1.84 -12.52
N MET D 129 -30.81 -1.39 -12.48
CA MET D 129 -31.48 -0.96 -13.70
C MET D 129 -30.79 0.25 -14.33
N GLU D 130 -30.51 1.27 -13.51
CA GLU D 130 -29.90 2.49 -14.02
C GLU D 130 -28.49 2.25 -14.52
N LEU D 131 -27.74 1.37 -13.84
CA LEU D 131 -26.40 1.03 -14.31
C LEU D 131 -26.46 0.40 -15.70
N LYS D 132 -27.40 -0.53 -15.89
CA LYS D 132 -27.65 -1.08 -17.22
C LYS D 132 -28.02 0.03 -18.21
N THR D 133 -28.84 0.99 -17.79
CA THR D 133 -29.20 2.10 -18.67
C THR D 133 -27.95 2.86 -19.12
N GLN D 134 -27.10 3.27 -18.17
CA GLN D 134 -25.87 3.96 -18.53
C GLN D 134 -24.94 3.08 -19.36
N ALA D 135 -24.90 1.78 -19.07
CA ALA D 135 -24.05 0.87 -19.84
C ALA D 135 -24.52 0.79 -21.30
N TYR D 136 -25.83 0.82 -21.52
CA TYR D 136 -26.33 0.84 -22.90
C TYR D 136 -25.97 2.14 -23.60
N ILE D 137 -26.17 3.28 -22.93
CA ILE D 137 -25.89 4.58 -23.53
C ILE D 137 -24.43 4.70 -23.94
N SER D 138 -23.52 4.16 -23.12
CA SER D 138 -22.10 4.22 -23.47
C SER D 138 -21.75 3.23 -24.57
N ALA D 139 -22.34 2.03 -24.53
CA ALA D 139 -22.04 1.01 -25.54
C ALA D 139 -22.45 1.45 -26.94
N MET D 140 -23.50 2.28 -27.06
CA MET D 140 -23.96 2.70 -28.37
C MET D 140 -23.04 3.75 -29.00
N ALA D 141 -22.30 4.50 -28.17
CA ALA D 141 -21.35 5.46 -28.75
C ALA D 141 -20.28 4.75 -29.57
N GLN D 142 -19.89 3.55 -29.18
CA GLN D 142 -18.83 2.79 -29.83
C GLN D 142 -19.34 1.42 -30.24
N ALA D 143 -20.60 1.39 -30.67
CA ALA D 143 -21.27 0.13 -31.03
C ALA D 143 -20.47 -0.65 -32.05
N GLU D 144 -20.31 -1.94 -31.80
CA GLU D 144 -19.69 -2.85 -32.76
C GLU D 144 -20.58 -4.04 -33.05
N ARG D 145 -21.78 -4.11 -32.47
CA ARG D 145 -22.81 -5.08 -32.78
C ARG D 145 -24.14 -4.32 -32.84
N PRO D 146 -25.22 -4.93 -33.35
CA PRO D 146 -26.50 -4.19 -33.47
C PRO D 146 -27.06 -3.76 -32.12
N LYS D 147 -27.84 -2.68 -32.15
CA LYS D 147 -28.45 -2.10 -30.95
C LYS D 147 -29.10 -3.14 -30.05
N GLY D 148 -29.68 -4.19 -30.65
CA GLY D 148 -30.43 -5.16 -29.89
C GLY D 148 -29.57 -6.15 -29.14
N ASP D 149 -28.46 -6.58 -29.73
CA ASP D 149 -27.58 -7.52 -29.05
C ASP D 149 -27.01 -6.91 -27.78
N ILE D 150 -26.60 -5.64 -27.83
CA ILE D 150 -26.15 -4.95 -26.62
C ILE D 150 -27.30 -4.85 -25.62
N LEU D 151 -28.47 -4.42 -26.10
CA LEU D 151 -29.61 -4.23 -25.22
C LEU D 151 -30.04 -5.55 -24.58
N ASN D 152 -29.90 -6.66 -25.30
CA ASN D 152 -30.32 -7.94 -24.75
C ASN D 152 -29.27 -8.54 -23.82
N ASP D 153 -27.99 -8.18 -24.00
CA ASP D 153 -26.96 -8.59 -23.06
C ASP D 153 -27.13 -7.87 -21.73
N LEU D 154 -27.48 -6.58 -21.76
CA LEU D 154 -27.62 -5.81 -20.54
C LEU D 154 -28.99 -6.00 -19.88
N PHE D 155 -30.03 -6.26 -20.67
CA PHE D 155 -31.36 -6.55 -20.15
C PHE D 155 -31.77 -7.93 -20.63
N PRO D 156 -31.20 -8.99 -20.06
CA PRO D 156 -31.47 -10.34 -20.57
C PRO D 156 -32.85 -10.82 -20.17
N SER D 157 -33.32 -11.83 -20.91
CA SER D 157 -34.65 -12.39 -20.67
C SER D 157 -34.64 -13.38 -19.51
N ASP D 158 -33.50 -14.02 -19.24
CA ASP D 158 -33.37 -15.01 -18.19
C ASP D 158 -32.98 -14.39 -16.85
N MET D 159 -33.35 -13.13 -16.60
CA MET D 159 -33.03 -12.50 -15.33
C MET D 159 -33.58 -13.32 -14.17
N ALA D 160 -34.80 -13.86 -14.32
CA ALA D 160 -35.38 -14.71 -13.28
C ALA D 160 -34.49 -15.92 -13.00
N HIS D 161 -34.07 -16.61 -14.07
CA HIS D 161 -33.17 -17.74 -13.90
C HIS D 161 -31.85 -17.29 -13.31
N ARG D 162 -31.33 -16.13 -13.76
CA ARG D 162 -30.10 -15.60 -13.18
C ARG D 162 -30.26 -15.38 -11.68
N PHE D 163 -31.39 -14.78 -11.28
CA PHE D 163 -31.66 -14.62 -9.84
C PHE D 163 -31.72 -15.97 -9.15
N LEU D 164 -32.25 -16.99 -9.83
CA LEU D 164 -32.41 -18.31 -9.23
C LEU D 164 -31.05 -18.98 -9.00
N ILE D 165 -30.23 -19.10 -10.05
CA ILE D 165 -28.93 -19.77 -9.93
C ILE D 165 -28.09 -19.08 -8.87
N ARG D 166 -28.25 -17.78 -8.71
CA ARG D 166 -27.47 -17.02 -7.73
C ARG D 166 -27.61 -17.61 -6.32
N ARG D 167 -28.80 -18.14 -5.99
CA ARG D 167 -29.04 -18.71 -4.67
C ARG D 167 -29.77 -20.04 -4.76
N LYS D 174 -40.88 -19.19 -7.07
CA LYS D 174 -39.61 -19.41 -6.41
C LYS D 174 -38.90 -18.08 -6.18
N LEU D 175 -39.11 -17.15 -7.11
CA LEU D 175 -38.54 -15.82 -6.98
C LEU D 175 -39.10 -15.10 -5.76
N THR D 176 -38.35 -14.13 -5.27
CA THR D 176 -38.77 -13.32 -4.14
C THR D 176 -39.58 -12.11 -4.61
N TYR D 177 -40.12 -11.38 -3.64
CA TYR D 177 -40.92 -10.19 -3.96
C TYR D 177 -40.06 -9.14 -4.67
N VAL D 178 -38.86 -8.88 -4.14
CA VAL D 178 -37.99 -7.84 -4.69
C VAL D 178 -37.54 -8.19 -6.10
N GLU D 179 -37.15 -9.44 -6.33
CA GLU D 179 -36.58 -9.83 -7.62
C GLU D 179 -37.59 -9.72 -8.75
N LYS D 180 -38.88 -9.97 -8.46
CA LYS D 180 -39.89 -9.88 -9.50
C LYS D 180 -40.07 -8.44 -9.98
N GLN D 181 -40.15 -7.49 -9.05
CA GLN D 181 -40.33 -6.10 -9.45
C GLN D 181 -39.11 -5.56 -10.18
N ILE D 182 -37.92 -6.10 -9.88
CA ILE D 182 -36.71 -5.72 -10.61
C ILE D 182 -36.81 -6.16 -12.06
N ILE D 183 -37.10 -7.45 -12.29
CA ILE D 183 -37.37 -7.93 -13.63
C ILE D 183 -38.50 -7.16 -14.26
N GLU D 184 -39.48 -6.75 -13.46
CA GLU D 184 -40.60 -5.97 -13.99
C GLU D 184 -40.13 -4.61 -14.50
N LYS D 185 -39.55 -3.80 -13.62
CA LYS D 185 -39.20 -2.45 -14.04
C LYS D 185 -38.02 -2.42 -15.00
N CYS D 186 -37.20 -3.48 -15.02
CA CYS D 186 -36.16 -3.60 -16.04
C CYS D 186 -36.77 -3.78 -17.43
N THR D 187 -37.87 -4.53 -17.51
CA THR D 187 -38.54 -4.74 -18.79
C THR D 187 -39.08 -3.43 -19.35
N ALA D 188 -39.77 -2.64 -18.51
CA ALA D 188 -40.24 -1.32 -18.94
C ALA D 188 -39.08 -0.45 -19.42
N ARG D 189 -37.96 -0.46 -18.69
CA ARG D 189 -36.81 0.33 -19.11
C ARG D 189 -36.22 -0.17 -20.41
N LYS D 190 -36.11 -1.50 -20.58
CA LYS D 190 -35.46 -2.06 -21.75
C LYS D 190 -36.16 -1.64 -23.05
N GLU D 191 -37.49 -1.69 -23.06
CA GLU D 191 -38.21 -1.33 -24.27
C GLU D 191 -38.17 0.18 -24.50
N ARG D 192 -38.26 0.96 -23.42
CA ARG D 192 -38.09 2.41 -23.52
C ARG D 192 -36.80 2.76 -24.25
N LEU D 193 -35.71 2.04 -23.95
CA LEU D 193 -34.43 2.31 -24.59
C LEU D 193 -34.43 1.87 -26.05
N ALA D 194 -35.04 0.72 -26.35
CA ALA D 194 -35.06 0.21 -27.72
C ALA D 194 -35.89 1.09 -28.64
N ASN D 195 -36.83 1.85 -28.09
CA ASN D 195 -37.78 2.63 -28.88
C ASN D 195 -37.41 4.09 -29.02
N PHE D 196 -36.45 4.58 -28.24
CA PHE D 196 -36.12 5.99 -28.28
C PHE D 196 -35.44 6.34 -29.60
N SER D 197 -35.88 7.44 -30.21
CA SER D 197 -35.32 7.93 -31.45
C SER D 197 -35.29 9.46 -31.38
N PRO D 198 -34.18 10.11 -31.79
CA PRO D 198 -32.93 9.43 -32.16
C PRO D 198 -32.21 8.89 -30.93
N GLN D 199 -31.42 7.82 -31.11
CA GLN D 199 -30.74 7.21 -29.97
C GLN D 199 -29.78 8.15 -29.27
N GLU D 200 -29.26 9.18 -29.98
CA GLU D 200 -28.30 10.11 -29.39
C GLU D 200 -28.91 11.00 -28.31
N ALA D 201 -30.24 11.09 -28.23
CA ALA D 201 -30.86 11.93 -27.22
C ALA D 201 -30.91 11.25 -25.85
N LEU D 202 -30.59 9.96 -25.76
CA LEU D 202 -30.71 9.24 -24.50
C LEU D 202 -29.76 9.80 -23.43
N ASN D 203 -28.65 10.40 -23.85
CA ASN D 203 -27.72 10.99 -22.90
C ASN D 203 -28.37 12.08 -22.05
N GLU D 204 -29.49 12.65 -22.51
CA GLU D 204 -30.22 13.66 -21.76
C GLU D 204 -31.44 13.13 -21.02
N VAL D 205 -32.06 12.05 -21.51
CA VAL D 205 -33.14 11.43 -20.77
C VAL D 205 -32.62 10.79 -19.49
N TYR D 206 -31.39 10.28 -19.51
CA TYR D 206 -30.77 9.63 -18.36
C TYR D 206 -29.37 10.22 -18.20
N PRO D 207 -29.26 11.41 -17.61
CA PRO D 207 -27.94 12.04 -17.47
C PRO D 207 -26.99 11.19 -16.63
N TRP D 208 -25.71 11.17 -17.04
CA TRP D 208 -24.71 10.43 -16.30
C TRP D 208 -24.54 10.99 -14.88
N GLY D 209 -24.66 12.31 -14.73
CA GLY D 209 -24.48 12.92 -13.43
C GLY D 209 -25.48 12.42 -12.40
N LYS D 210 -26.72 12.16 -12.82
CA LYS D 210 -27.71 11.68 -11.86
C LYS D 210 -27.39 10.27 -11.41
N PHE D 211 -26.92 9.41 -12.33
CA PHE D 211 -26.56 8.06 -11.90
C PHE D 211 -25.31 8.05 -11.05
N LEU D 212 -24.29 8.81 -11.45
CA LEU D 212 -23.07 8.95 -10.65
C LEU D 212 -23.43 9.30 -9.21
N SER D 213 -24.29 10.30 -9.02
CA SER D 213 -24.72 10.69 -7.69
C SER D 213 -25.48 9.57 -6.98
N GLU D 214 -26.34 8.85 -7.71
CA GLU D 214 -27.14 7.79 -7.09
C GLU D 214 -26.25 6.66 -6.59
N ILE D 215 -25.36 6.17 -7.45
CA ILE D 215 -24.53 5.03 -7.06
C ILE D 215 -23.54 5.45 -5.97
N ALA D 216 -22.99 6.67 -6.07
CA ALA D 216 -22.06 7.14 -5.05
C ALA D 216 -22.76 7.28 -3.70
N CYS D 217 -23.99 7.81 -3.71
CA CYS D 217 -24.75 7.94 -2.47
C CYS D 217 -24.95 6.58 -1.80
N TYR D 218 -25.35 5.57 -2.57
CA TYR D 218 -25.69 4.29 -1.97
C TYR D 218 -24.46 3.62 -1.38
N ILE D 219 -23.35 3.60 -2.12
CA ILE D 219 -22.13 2.99 -1.61
C ILE D 219 -21.71 3.66 -0.31
N HIS D 220 -21.68 5.00 -0.32
CA HIS D 220 -21.24 5.76 0.84
C HIS D 220 -22.12 5.50 2.07
N ASN D 221 -23.35 5.00 1.87
CA ASN D 221 -24.29 4.83 2.96
C ASN D 221 -24.40 3.39 3.46
N ASN D 222 -23.67 2.44 2.86
CA ASN D 222 -23.82 1.04 3.26
C ASN D 222 -22.50 0.29 3.23
N TYR D 223 -21.42 0.91 3.72
CA TYR D 223 -20.19 0.13 3.99
C TYR D 223 -19.76 0.37 5.44
#